data_8BIC
#
_entry.id   8BIC
#
_cell.length_a   172.280
_cell.length_b   57.940
_cell.length_c   97.180
_cell.angle_alpha   90.000
_cell.angle_beta   121.780
_cell.angle_gamma   90.000
#
_symmetry.space_group_name_H-M   'C 1 2 1'
#
loop_
_entity.id
_entity.type
_entity.pdbx_description
1 polymer 'methyltransferase Plu4891'
2 non-polymer S-ADENOSYL-L-HOMOCYSTEINE
3 non-polymer 'SODIUM ION'
4 non-polymer GLYCEROL
5 water water
#
_entity_poly.entity_id   1
_entity_poly.type   'polypeptide(L)'
_entity_poly.pdbx_seq_one_letter_code
;MRGSHHHHHHENLYFQGSMLIDLITSCRKSTVIYAFVDMGLSVHFKDGACVNISELASQYGLDHSRFSRLCEYLIKIGVL
VSCNEGVALSEECSALADPESMESLMIRCEVSPEYWKAWSMYSKSLYENNSKTAFEIAHGKPFFEYLDHHELFRSNFDSF
MSKNSDKIIEKLLDIYDFSQHNRILDVGGGEGNLLIRINEKIKGKHYAVLDRYNETPVLEDIEFINGDFFKLVPSGYDLY
ILKNVIHNWSDSNAILILENCRKAMDDNATILLIGTVKKLKLEIIDSTDILMDVLLLGKERYLNELEDLAHQAGFVVKDI
KEINEKYSIIELGVK
;
_entity_poly.pdbx_strand_id   A,B
#
# COMPACT_ATOMS: atom_id res chain seq x y z
N GLY A 17 -2.69 14.88 -13.35
CA GLY A 17 -3.25 13.98 -12.29
C GLY A 17 -2.26 13.73 -11.17
N SER A 18 -1.65 14.79 -10.63
CA SER A 18 -0.62 14.68 -9.56
C SER A 18 -1.26 14.13 -8.27
N MET A 19 -2.51 14.52 -7.96
CA MET A 19 -3.20 14.02 -6.74
C MET A 19 -3.53 12.52 -6.90
N LEU A 20 -4.04 12.11 -8.06
CA LEU A 20 -4.42 10.70 -8.33
C LEU A 20 -3.17 9.80 -8.24
N ILE A 21 -2.06 10.25 -8.79
CA ILE A 21 -0.79 9.45 -8.81
C ILE A 21 -0.23 9.38 -7.39
N ASP A 22 -0.35 10.46 -6.60
CA ASP A 22 0.02 10.43 -5.17
C ASP A 22 -0.81 9.35 -4.45
N LEU A 23 -2.13 9.32 -4.67
CA LEU A 23 -3.03 8.33 -4.03
C LEU A 23 -2.62 6.92 -4.48
N ILE A 24 -2.43 6.72 -5.79
CA ILE A 24 -2.09 5.40 -6.39
C ILE A 24 -0.83 4.85 -5.73
N THR A 25 0.18 5.72 -5.52
CA THR A 25 1.53 5.32 -5.03
C THR A 25 1.62 5.45 -3.50
N SER A 26 0.50 5.66 -2.81
CA SER A 26 0.45 5.78 -1.31
C SER A 26 1.14 4.59 -0.65
N CYS A 27 0.99 3.37 -1.19
CA CYS A 27 1.60 2.13 -0.62
C CYS A 27 3.11 2.27 -0.44
N ARG A 28 3.79 3.07 -1.26
CA ARG A 28 5.27 3.25 -1.21
C ARG A 28 5.69 3.87 0.14
N LYS A 29 4.83 4.66 0.76
CA LYS A 29 5.07 5.20 2.12
C LYS A 29 5.09 4.05 3.14
N SER A 30 4.12 3.14 3.06
CA SER A 30 4.01 1.98 3.99
C SER A 30 5.23 1.07 3.81
N THR A 31 5.66 0.82 2.58
CA THR A 31 6.73 -0.18 2.28
C THR A 31 8.11 0.38 2.71
N VAL A 32 8.38 1.67 2.57
CA VAL A 32 9.68 2.24 3.02
C VAL A 32 9.71 2.26 4.55
N ILE A 33 8.59 2.55 5.22
CA ILE A 33 8.52 2.49 6.71
C ILE A 33 8.76 1.04 7.15
N TYR A 34 8.16 0.06 6.48
CA TYR A 34 8.42 -1.38 6.75
C TYR A 34 9.92 -1.67 6.65
N ALA A 35 10.53 -1.26 5.53
CA ALA A 35 11.97 -1.48 5.22
C ALA A 35 12.83 -0.88 6.33
N PHE A 36 12.54 0.35 6.75
CA PHE A 36 13.23 1.04 7.88
C PHE A 36 13.14 0.17 9.14
N VAL A 37 11.93 -0.27 9.49
CA VAL A 37 11.68 -1.07 10.72
C VAL A 37 12.41 -2.42 10.59
N ASP A 38 12.37 -3.03 9.40
CA ASP A 38 12.82 -4.43 9.20
C ASP A 38 14.34 -4.52 9.31
N MET A 39 15.05 -3.43 8.97
CA MET A 39 16.53 -3.36 8.96
C MET A 39 17.11 -3.41 10.38
N GLY A 40 16.28 -3.20 11.41
CA GLY A 40 16.64 -3.39 12.82
C GLY A 40 17.59 -2.31 13.33
N LEU A 41 17.55 -1.14 12.70
CA LEU A 41 18.46 0.01 12.98
C LEU A 41 17.73 1.09 13.79
N SER A 42 16.47 0.85 14.15
CA SER A 42 15.58 1.82 14.84
C SER A 42 16.09 2.11 16.25
N VAL A 43 16.72 1.13 16.90
CA VAL A 43 17.31 1.24 18.27
C VAL A 43 18.20 2.50 18.33
N HIS A 44 18.95 2.80 17.26
CA HIS A 44 19.95 3.90 17.19
C HIS A 44 19.27 5.26 17.04
N PHE A 45 17.96 5.30 16.74
CA PHE A 45 17.20 6.55 16.50
C PHE A 45 16.45 6.98 17.77
N LYS A 46 16.61 6.23 18.86
CA LYS A 46 15.88 6.41 20.14
C LYS A 46 16.16 7.80 20.72
N ASP A 47 15.16 8.40 21.38
CA ASP A 47 15.22 9.73 22.05
C ASP A 47 15.74 10.78 21.04
N GLY A 48 15.24 10.71 19.80
CA GLY A 48 15.55 11.67 18.71
C GLY A 48 17.04 11.85 18.50
N ALA A 49 17.85 10.82 18.75
CA ALA A 49 19.33 10.86 18.60
C ALA A 49 19.67 11.08 17.13
N CYS A 50 20.68 11.92 16.85
CA CYS A 50 21.12 12.32 15.49
C CYS A 50 22.11 11.26 14.96
N VAL A 51 21.66 10.42 14.03
CA VAL A 51 22.42 9.26 13.47
C VAL A 51 23.12 9.70 12.18
N ASN A 52 24.42 9.40 12.05
CA ASN A 52 25.24 9.66 10.84
C ASN A 52 25.06 8.50 9.85
N ILE A 53 24.53 8.80 8.66
CA ILE A 53 24.18 7.81 7.59
C ILE A 53 25.40 6.95 7.27
N SER A 54 26.58 7.56 7.16
CA SER A 54 27.86 6.89 6.79
C SER A 54 28.28 5.91 7.89
N GLU A 55 28.27 6.35 9.15
CA GLU A 55 28.63 5.51 10.32
C GLU A 55 27.68 4.32 10.40
N LEU A 56 26.39 4.56 10.13
CA LEU A 56 25.30 3.55 10.20
C LEU A 56 25.50 2.48 9.12
N ALA A 57 25.80 2.89 7.89
CA ALA A 57 25.97 2.00 6.71
C ALA A 57 27.22 1.13 6.89
N SER A 58 28.32 1.71 7.36
CA SER A 58 29.61 1.01 7.60
C SER A 58 29.43 -0.07 8.68
N GLN A 59 28.81 0.28 9.81
CA GLN A 59 28.53 -0.62 10.97
C GLN A 59 27.75 -1.85 10.49
N TYR A 60 26.60 -1.62 9.86
CA TYR A 60 25.59 -2.65 9.47
C TYR A 60 26.01 -3.37 8.19
N GLY A 61 26.98 -2.83 7.45
CA GLY A 61 27.30 -3.28 6.09
C GLY A 61 26.14 -3.02 5.15
N LEU A 62 25.74 -1.74 5.03
CA LEU A 62 24.70 -1.25 4.08
C LEU A 62 25.35 -0.48 2.94
N ASP A 63 24.74 -0.50 1.75
CA ASP A 63 25.14 0.36 0.61
C ASP A 63 24.82 1.82 0.98
N HIS A 64 25.85 2.66 1.08
CA HIS A 64 25.76 4.06 1.57
C HIS A 64 24.79 4.88 0.69
N SER A 65 25.07 4.96 -0.61
CA SER A 65 24.35 5.86 -1.56
C SER A 65 22.88 5.43 -1.66
N ARG A 66 22.62 4.13 -1.66
CA ARG A 66 21.26 3.56 -1.79
C ARG A 66 20.48 3.81 -0.48
N PHE A 67 21.16 3.68 0.67
CA PHE A 67 20.55 3.94 2.00
C PHE A 67 20.28 5.45 2.15
N SER A 68 21.18 6.30 1.65
CA SER A 68 21.03 7.78 1.66
C SER A 68 19.76 8.16 0.88
N ARG A 69 19.54 7.53 -0.27
CA ARG A 69 18.36 7.76 -1.15
C ARG A 69 17.07 7.44 -0.39
N LEU A 70 17.05 6.33 0.36
CA LEU A 70 15.92 5.92 1.24
C LEU A 70 15.67 7.03 2.27
N CYS A 71 16.73 7.47 2.97
CA CYS A 71 16.66 8.50 4.03
C CYS A 71 16.04 9.79 3.46
N GLU A 72 16.45 10.22 2.25
CA GLU A 72 15.94 11.45 1.59
C GLU A 72 14.42 11.30 1.38
N TYR A 73 13.95 10.13 0.99
CA TYR A 73 12.49 9.88 0.76
C TYR A 73 11.78 9.92 2.12
N LEU A 74 12.36 9.32 3.15
CA LEU A 74 11.78 9.26 4.52
C LEU A 74 11.68 10.69 5.08
N ILE A 75 12.64 11.56 4.73
CA ILE A 75 12.58 13.00 5.11
C ILE A 75 11.39 13.64 4.36
N LYS A 76 11.27 13.39 3.06
CA LYS A 76 10.23 14.00 2.20
C LYS A 76 8.82 13.64 2.70
N ILE A 77 8.61 12.41 3.21
CA ILE A 77 7.26 11.95 3.68
C ILE A 77 7.11 12.21 5.18
N GLY A 78 8.17 12.68 5.85
CA GLY A 78 8.12 13.28 7.20
C GLY A 78 8.38 12.29 8.32
N VAL A 79 8.95 11.11 8.01
CA VAL A 79 9.37 10.10 9.02
C VAL A 79 10.68 10.59 9.66
N LEU A 80 11.66 10.95 8.81
CA LEU A 80 12.97 11.50 9.25
C LEU A 80 12.95 13.02 9.11
N VAL A 81 13.80 13.68 9.91
CA VAL A 81 14.10 15.13 9.78
C VAL A 81 15.62 15.24 9.69
N SER A 82 16.11 16.24 8.97
CA SER A 82 17.55 16.54 8.82
C SER A 82 18.09 17.02 10.18
N CYS A 83 19.23 16.50 10.62
CA CYS A 83 19.96 16.93 11.84
C CYS A 83 21.46 17.10 11.52
N ASN A 84 22.18 17.84 12.37
CA ASN A 84 23.59 18.27 12.14
C ASN A 84 24.47 17.06 11.79
N GLU A 85 24.84 16.93 10.52
CA GLU A 85 25.71 15.86 9.96
C GLU A 85 25.03 14.48 10.16
N GLY A 86 23.72 14.37 9.89
CA GLY A 86 23.00 13.09 9.97
C GLY A 86 21.49 13.19 9.75
N VAL A 87 20.74 12.23 10.28
CA VAL A 87 19.25 12.17 10.23
C VAL A 87 18.73 11.68 11.59
N ALA A 88 17.54 12.15 11.99
CA ALA A 88 16.81 11.71 13.21
C ALA A 88 15.35 11.43 12.85
N LEU A 89 14.71 10.50 13.57
CA LEU A 89 13.24 10.28 13.50
C LEU A 89 12.54 11.57 13.90
N SER A 90 11.52 11.99 13.14
CA SER A 90 10.62 13.11 13.47
C SER A 90 9.94 12.79 14.80
N GLU A 91 9.50 13.82 15.54
CA GLU A 91 8.82 13.67 16.84
C GLU A 91 7.55 12.83 16.64
N GLU A 92 6.80 13.10 15.58
CA GLU A 92 5.51 12.42 15.26
C GLU A 92 5.74 10.94 15.00
N CYS A 93 6.94 10.54 14.55
CA CYS A 93 7.28 9.15 14.16
C CYS A 93 8.28 8.52 15.13
N SER A 94 8.42 9.06 16.35
CA SER A 94 9.42 8.63 17.37
C SER A 94 9.19 7.17 17.79
N ALA A 95 7.95 6.68 17.68
CA ALA A 95 7.53 5.32 18.11
C ALA A 95 8.27 4.24 17.30
N LEU A 96 8.72 4.57 16.09
CA LEU A 96 9.47 3.64 15.19
C LEU A 96 10.85 3.33 15.79
N ALA A 97 11.34 4.16 16.71
CA ALA A 97 12.63 3.97 17.42
C ALA A 97 12.54 2.72 18.31
N ASP A 98 11.33 2.39 18.78
CA ASP A 98 11.06 1.21 19.65
C ASP A 98 10.51 0.08 18.79
N PRO A 99 11.26 -1.03 18.62
CA PRO A 99 10.84 -2.12 17.74
C PRO A 99 9.66 -2.94 18.27
N GLU A 100 9.32 -2.78 19.55
CA GLU A 100 8.19 -3.48 20.22
C GLU A 100 6.99 -2.54 20.37
N SER A 101 7.07 -1.32 19.82
CA SER A 101 5.96 -0.32 19.85
C SER A 101 4.77 -0.83 19.03
N MET A 102 3.56 -0.37 19.34
CA MET A 102 2.33 -0.73 18.61
C MET A 102 2.55 -0.45 17.12
N GLU A 103 3.19 0.68 16.79
CA GLU A 103 3.36 1.15 15.40
C GLU A 103 4.37 0.26 14.66
N SER A 104 5.48 -0.11 15.31
CA SER A 104 6.49 -1.04 14.74
C SER A 104 5.83 -2.38 14.38
N LEU A 105 5.02 -2.93 15.29
CA LEU A 105 4.32 -4.21 15.07
C LEU A 105 3.21 -4.02 14.03
N MET A 106 2.54 -2.87 14.03
CA MET A 106 1.41 -2.59 13.12
C MET A 106 1.88 -2.65 11.66
N ILE A 107 3.02 -2.03 11.33
CA ILE A 107 3.53 -1.95 9.92
C ILE A 107 3.88 -3.37 9.44
N ARG A 108 4.40 -4.23 10.32
CA ARG A 108 4.72 -5.65 10.01
C ARG A 108 3.44 -6.40 9.58
N CYS A 109 2.30 -6.12 10.20
CA CYS A 109 0.98 -6.72 9.82
C CYS A 109 0.49 -6.09 8.51
N GLU A 110 0.59 -4.76 8.40
CA GLU A 110 0.00 -3.93 7.32
C GLU A 110 0.49 -4.36 5.94
N VAL A 111 1.80 -4.61 5.76
CA VAL A 111 2.40 -4.95 4.43
C VAL A 111 2.84 -6.42 4.41
N SER A 112 2.28 -7.24 5.30
CA SER A 112 2.47 -8.71 5.34
C SER A 112 1.89 -9.33 4.09
N PRO A 113 2.42 -10.49 3.61
CA PRO A 113 1.80 -11.21 2.50
C PRO A 113 0.33 -11.54 2.83
N GLU A 114 0.04 -11.84 4.10
CA GLU A 114 -1.31 -12.12 4.65
C GLU A 114 -2.27 -10.99 4.22
N TYR A 115 -1.88 -9.75 4.44
CA TYR A 115 -2.73 -8.56 4.18
C TYR A 115 -2.82 -8.31 2.67
N TRP A 116 -1.71 -8.22 1.93
CA TRP A 116 -1.81 -7.75 0.53
C TRP A 116 -2.48 -8.81 -0.35
N LYS A 117 -2.34 -10.10 -0.02
CA LYS A 117 -3.03 -11.20 -0.75
C LYS A 117 -4.54 -11.08 -0.50
N ALA A 118 -4.92 -10.80 0.75
CA ALA A 118 -6.33 -10.59 1.15
C ALA A 118 -6.90 -9.41 0.36
N TRP A 119 -6.19 -8.27 0.36
CA TRP A 119 -6.58 -7.05 -0.40
C TRP A 119 -6.83 -7.37 -1.89
N SER A 120 -5.98 -8.20 -2.50
CA SER A 120 -6.10 -8.54 -3.96
C SER A 120 -7.48 -9.17 -4.23
N MET A 121 -8.07 -9.87 -3.26
CA MET A 121 -9.37 -10.59 -3.43
C MET A 121 -10.56 -9.74 -2.97
N TYR A 122 -10.34 -8.50 -2.52
CA TYR A 122 -11.43 -7.62 -2.03
C TYR A 122 -12.47 -7.40 -3.12
N SER A 123 -12.04 -7.05 -4.34
CA SER A 123 -12.91 -6.71 -5.49
C SER A 123 -13.81 -7.91 -5.82
N LYS A 124 -13.26 -9.13 -5.71
CA LYS A 124 -14.01 -10.37 -6.00
C LYS A 124 -15.06 -10.59 -4.89
N SER A 125 -14.67 -10.37 -3.63
N SER A 125 -14.66 -10.38 -3.63
CA SER A 125 -15.52 -10.56 -2.42
CA SER A 125 -15.52 -10.56 -2.42
C SER A 125 -16.74 -9.62 -2.47
C SER A 125 -16.75 -9.63 -2.49
N LEU A 126 -16.59 -8.42 -3.04
CA LEU A 126 -17.68 -7.40 -3.07
C LEU A 126 -18.80 -7.82 -4.03
N TYR A 127 -18.49 -8.64 -5.04
CA TYR A 127 -19.47 -9.12 -6.05
C TYR A 127 -20.27 -10.32 -5.53
N GLU A 128 -19.80 -11.03 -4.51
CA GLU A 128 -20.41 -12.31 -4.05
C GLU A 128 -21.27 -12.06 -2.82
N ASN A 129 -22.57 -12.38 -2.91
CA ASN A 129 -23.64 -12.04 -1.93
C ASN A 129 -23.29 -12.64 -0.55
N ASN A 130 -22.95 -13.93 -0.52
CA ASN A 130 -22.61 -14.70 0.71
C ASN A 130 -21.14 -15.11 0.62
N SER A 131 -20.32 -14.15 0.18
CA SER A 131 -18.85 -14.26 0.01
C SER A 131 -18.21 -14.89 1.25
N LYS A 132 -17.15 -15.68 1.05
CA LYS A 132 -16.10 -15.90 2.07
C LYS A 132 -15.34 -14.58 2.22
N THR A 133 -14.62 -14.40 3.34
CA THR A 133 -13.76 -13.21 3.54
C THR A 133 -12.72 -13.18 2.41
N ALA A 134 -12.36 -11.98 1.94
CA ALA A 134 -11.30 -11.79 0.93
C ALA A 134 -10.04 -12.52 1.40
N PHE A 135 -9.79 -12.54 2.72
CA PHE A 135 -8.66 -13.25 3.35
C PHE A 135 -8.77 -14.76 3.08
N GLU A 136 -9.94 -15.36 3.36
CA GLU A 136 -10.16 -16.81 3.16
C GLU A 136 -9.97 -17.15 1.67
N ILE A 137 -10.50 -16.32 0.77
CA ILE A 137 -10.36 -16.53 -0.69
C ILE A 137 -8.87 -16.59 -1.02
N ALA A 138 -8.07 -15.70 -0.44
CA ALA A 138 -6.62 -15.58 -0.70
C ALA A 138 -5.87 -16.78 -0.11
N HIS A 139 -6.20 -17.22 1.11
CA HIS A 139 -5.32 -18.10 1.92
C HIS A 139 -5.90 -19.51 2.13
N GLY A 140 -7.20 -19.73 1.86
CA GLY A 140 -7.85 -21.03 2.04
C GLY A 140 -8.31 -21.29 3.47
N LYS A 141 -8.14 -20.32 4.39
CA LYS A 141 -8.62 -20.39 5.80
C LYS A 141 -9.08 -19.00 6.23
N PRO A 142 -10.09 -18.89 7.13
CA PRO A 142 -10.44 -17.61 7.72
C PRO A 142 -9.30 -17.13 8.65
N PHE A 143 -9.27 -15.82 8.89
CA PHE A 143 -8.17 -15.09 9.57
C PHE A 143 -7.72 -15.83 10.83
N PHE A 144 -8.63 -16.08 11.77
CA PHE A 144 -8.28 -16.61 13.12
C PHE A 144 -7.86 -18.08 13.02
N GLU A 145 -8.43 -18.84 12.09
CA GLU A 145 -8.00 -20.23 11.81
C GLU A 145 -6.56 -20.20 11.28
N TYR A 146 -6.26 -19.27 10.37
CA TYR A 146 -4.93 -19.07 9.75
C TYR A 146 -3.88 -18.87 10.86
N LEU A 147 -4.20 -18.03 11.85
CA LEU A 147 -3.29 -17.70 12.98
C LEU A 147 -2.79 -18.97 13.68
N ASP A 148 -3.62 -20.02 13.72
CA ASP A 148 -3.29 -21.31 14.38
C ASP A 148 -2.07 -21.98 13.72
N HIS A 149 -1.88 -21.78 12.42
CA HIS A 149 -0.85 -22.48 11.59
C HIS A 149 0.31 -21.54 11.26
N HIS A 150 0.35 -20.32 11.81
CA HIS A 150 1.36 -19.29 11.45
C HIS A 150 1.84 -18.56 12.71
N GLU A 151 2.74 -19.20 13.47
CA GLU A 151 3.26 -18.77 14.79
C GLU A 151 3.80 -17.34 14.73
N LEU A 152 4.62 -17.01 13.72
CA LEU A 152 5.30 -15.70 13.59
C LEU A 152 4.26 -14.59 13.39
N PHE A 153 3.35 -14.76 12.43
CA PHE A 153 2.27 -13.80 12.13
C PHE A 153 1.37 -13.61 13.36
N ARG A 154 0.97 -14.71 14.02
CA ARG A 154 0.10 -14.67 15.23
C ARG A 154 0.82 -13.88 16.34
N SER A 155 2.07 -14.23 16.62
CA SER A 155 2.93 -13.58 17.64
C SER A 155 2.93 -12.06 17.44
N ASN A 156 3.18 -11.62 16.21
N ASN A 156 3.18 -11.60 16.21
CA ASN A 156 3.19 -10.19 15.79
CA ASN A 156 3.20 -10.17 15.83
C ASN A 156 1.81 -9.57 16.03
C ASN A 156 1.80 -9.57 16.04
N PHE A 157 0.75 -10.25 15.59
CA PHE A 157 -0.65 -9.77 15.72
C PHE A 157 -1.03 -9.66 17.21
N ASP A 158 -0.79 -10.72 17.99
CA ASP A 158 -1.19 -10.80 19.43
C ASP A 158 -0.47 -9.69 20.21
N SER A 159 0.82 -9.46 19.92
CA SER A 159 1.65 -8.40 20.57
C SER A 159 1.12 -7.01 20.17
N PHE A 160 0.76 -6.83 18.89
CA PHE A 160 0.16 -5.58 18.34
C PHE A 160 -1.11 -5.26 19.14
N MET A 161 -1.97 -6.27 19.35
CA MET A 161 -3.23 -6.13 20.11
C MET A 161 -2.91 -5.75 21.57
N SER A 162 -1.90 -6.38 22.18
CA SER A 162 -1.48 -6.12 23.59
C SER A 162 -1.04 -4.66 23.76
N LYS A 163 -0.27 -4.12 22.80
CA LYS A 163 0.21 -2.71 22.82
C LYS A 163 -0.98 -1.75 22.63
N ASN A 164 -2.05 -2.17 21.96
CA ASN A 164 -3.28 -1.35 21.81
C ASN A 164 -3.94 -1.14 23.17
N SER A 165 -3.96 -2.18 24.02
CA SER A 165 -4.50 -2.14 25.39
C SER A 165 -3.65 -1.20 26.25
N ASP A 166 -2.33 -1.21 26.05
CA ASP A 166 -1.36 -0.34 26.79
C ASP A 166 -1.67 1.14 26.52
N LYS A 167 -2.17 1.48 25.34
CA LYS A 167 -2.37 2.90 24.92
C LYS A 167 -3.60 3.51 25.60
N ILE A 168 -4.60 2.71 25.99
CA ILE A 168 -5.91 3.25 26.49
C ILE A 168 -6.14 2.88 27.95
N ILE A 169 -5.26 2.08 28.57
CA ILE A 169 -5.52 1.46 29.91
C ILE A 169 -5.65 2.56 30.97
N GLU A 170 -4.81 3.59 30.91
CA GLU A 170 -4.83 4.70 31.89
C GLU A 170 -6.23 5.34 31.85
N LYS A 171 -6.66 5.77 30.67
CA LYS A 171 -7.96 6.47 30.45
C LYS A 171 -9.11 5.54 30.87
N LEU A 172 -8.95 4.23 30.65
CA LEU A 172 -10.00 3.21 30.90
C LEU A 172 -10.30 3.10 32.41
N LEU A 173 -9.25 3.05 33.24
CA LEU A 173 -9.34 2.89 34.72
C LEU A 173 -9.99 4.14 35.34
N ASP A 174 -9.83 5.29 34.72
CA ASP A 174 -10.38 6.59 35.20
C ASP A 174 -11.91 6.60 35.05
N ILE A 175 -12.42 6.27 33.85
CA ILE A 175 -13.83 6.53 33.45
C ILE A 175 -14.74 5.37 33.85
N TYR A 176 -14.19 4.21 34.22
CA TYR A 176 -14.99 3.03 34.64
C TYR A 176 -14.41 2.43 35.93
N ASP A 177 -15.28 2.16 36.89
CA ASP A 177 -14.95 1.60 38.22
C ASP A 177 -14.94 0.07 38.12
N PHE A 178 -13.75 -0.51 37.90
CA PHE A 178 -13.54 -1.97 37.77
C PHE A 178 -13.61 -2.64 39.15
N SER A 179 -13.38 -1.88 40.23
CA SER A 179 -13.36 -2.38 41.63
C SER A 179 -14.75 -2.86 42.06
N GLN A 180 -15.82 -2.42 41.39
CA GLN A 180 -17.22 -2.82 41.68
C GLN A 180 -17.45 -4.28 41.25
N HIS A 181 -16.60 -4.81 40.37
CA HIS A 181 -16.70 -6.20 39.83
C HIS A 181 -15.70 -7.11 40.54
N ASN A 182 -16.07 -8.37 40.77
CA ASN A 182 -15.26 -9.37 41.53
C ASN A 182 -14.79 -10.52 40.62
N ARG A 183 -15.61 -10.90 39.63
CA ARG A 183 -15.31 -12.00 38.68
C ARG A 183 -15.42 -11.46 37.26
N ILE A 184 -14.27 -11.31 36.59
CA ILE A 184 -14.12 -10.57 35.30
C ILE A 184 -13.57 -11.52 34.24
N LEU A 185 -14.29 -11.69 33.13
CA LEU A 185 -13.85 -12.48 31.95
C LEU A 185 -13.52 -11.52 30.80
N ASP A 186 -12.30 -11.61 30.28
CA ASP A 186 -11.85 -10.91 29.04
C ASP A 186 -12.18 -11.83 27.85
N VAL A 187 -13.32 -11.58 27.19
CA VAL A 187 -13.84 -12.41 26.08
C VAL A 187 -13.07 -12.03 24.81
N GLY A 188 -12.27 -12.96 24.27
CA GLY A 188 -11.36 -12.71 23.14
C GLY A 188 -10.20 -11.80 23.53
N GLY A 189 -9.65 -12.01 24.73
CA GLY A 189 -8.61 -11.14 25.33
C GLY A 189 -7.21 -11.43 24.83
N GLY A 190 -7.02 -12.49 24.04
CA GLY A 190 -5.70 -12.85 23.47
C GLY A 190 -4.67 -13.12 24.56
N GLU A 191 -3.57 -12.36 24.56
CA GLU A 191 -2.48 -12.48 25.56
C GLU A 191 -3.00 -12.13 26.96
N GLY A 192 -4.14 -11.43 27.03
CA GLY A 192 -4.77 -11.02 28.29
C GLY A 192 -4.14 -9.77 28.87
N ASN A 193 -3.53 -8.94 28.02
CA ASN A 193 -2.78 -7.72 28.46
C ASN A 193 -3.74 -6.73 29.12
N LEU A 194 -5.00 -6.69 28.71
CA LEU A 194 -6.01 -5.78 29.33
C LEU A 194 -6.10 -6.10 30.83
N LEU A 195 -6.28 -7.37 31.19
CA LEU A 195 -6.46 -7.80 32.60
C LEU A 195 -5.11 -7.77 33.33
N ILE A 196 -4.00 -8.01 32.62
CA ILE A 196 -2.62 -7.87 33.16
C ILE A 196 -2.45 -6.43 33.67
N ARG A 197 -2.84 -5.44 32.87
CA ARG A 197 -2.68 -4.00 33.18
C ARG A 197 -3.70 -3.57 34.24
N ILE A 198 -4.95 -4.05 34.16
CA ILE A 198 -6.01 -3.75 35.19
C ILE A 198 -5.56 -4.35 36.54
N ASN A 199 -4.98 -5.56 36.52
CA ASN A 199 -4.49 -6.28 37.73
C ASN A 199 -3.42 -5.46 38.45
N GLU A 200 -2.58 -4.72 37.73
CA GLU A 200 -1.49 -3.88 38.30
C GLU A 200 -2.06 -2.86 39.29
N LYS A 201 -3.27 -2.35 39.02
CA LYS A 201 -3.93 -1.30 39.84
C LYS A 201 -5.00 -1.91 40.75
N ILE A 202 -5.74 -2.91 40.24
CA ILE A 202 -6.87 -3.59 40.94
C ILE A 202 -6.45 -5.02 41.29
N LYS A 203 -6.19 -5.29 42.56
CA LYS A 203 -5.74 -6.63 43.07
C LYS A 203 -6.88 -7.29 43.85
N GLY A 204 -6.75 -8.59 44.13
CA GLY A 204 -7.72 -9.37 44.92
C GLY A 204 -9.00 -9.64 44.16
N LYS A 205 -8.94 -9.73 42.83
CA LYS A 205 -10.08 -10.04 41.92
C LYS A 205 -9.84 -11.41 41.29
N HIS A 206 -10.87 -11.99 40.66
CA HIS A 206 -10.74 -13.15 39.74
C HIS A 206 -10.70 -12.64 38.30
N TYR A 207 -9.55 -12.78 37.65
CA TYR A 207 -9.30 -12.36 36.25
C TYR A 207 -9.15 -13.62 35.39
N ALA A 208 -10.01 -13.77 34.38
CA ALA A 208 -9.99 -14.89 33.41
C ALA A 208 -9.95 -14.32 31.99
N VAL A 209 -9.29 -15.02 31.08
CA VAL A 209 -9.21 -14.64 29.64
C VAL A 209 -9.71 -15.81 28.80
N LEU A 210 -10.67 -15.55 27.91
CA LEU A 210 -11.21 -16.56 26.95
C LEU A 210 -10.68 -16.26 25.55
N ASP A 211 -9.98 -17.22 24.94
CA ASP A 211 -9.47 -17.10 23.54
C ASP A 211 -9.08 -18.49 23.04
N ARG A 212 -8.61 -18.55 21.80
CA ARG A 212 -8.14 -19.80 21.12
C ARG A 212 -6.62 -19.84 21.21
N TYR A 213 -6.07 -20.86 21.86
CA TYR A 213 -4.61 -21.02 22.10
C TYR A 213 -4.16 -22.39 21.58
N ASN A 214 -3.04 -22.43 20.86
CA ASN A 214 -2.29 -23.67 20.54
C ASN A 214 -1.70 -24.20 21.85
N GLU A 215 -1.19 -23.30 22.68
CA GLU A 215 -0.64 -23.57 24.04
C GLU A 215 -1.26 -22.54 25.00
N THR A 216 -2.08 -23.01 25.94
CA THR A 216 -2.83 -22.18 26.92
C THR A 216 -1.84 -21.43 27.80
N PRO A 217 -1.90 -20.08 27.85
CA PRO A 217 -0.99 -19.29 28.67
C PRO A 217 -1.18 -19.53 30.18
N VAL A 218 -0.11 -19.31 30.96
CA VAL A 218 -0.09 -19.47 32.44
C VAL A 218 0.46 -18.18 33.07
N LEU A 219 -0.32 -17.54 33.93
CA LEU A 219 0.12 -16.42 34.81
C LEU A 219 -0.37 -16.68 36.22
N GLU A 220 0.29 -16.07 37.22
CA GLU A 220 -0.04 -16.24 38.67
C GLU A 220 -1.42 -15.63 38.96
N ASP A 221 -1.70 -14.43 38.45
CA ASP A 221 -2.88 -13.60 38.84
C ASP A 221 -4.00 -13.70 37.80
N ILE A 222 -3.75 -14.28 36.63
CA ILE A 222 -4.74 -14.36 35.51
C ILE A 222 -4.95 -15.83 35.14
N GLU A 223 -6.21 -16.27 35.08
CA GLU A 223 -6.62 -17.60 34.54
C GLU A 223 -6.86 -17.46 33.03
N PHE A 224 -6.41 -18.44 32.24
CA PHE A 224 -6.61 -18.48 30.77
C PHE A 224 -7.46 -19.69 30.41
N ILE A 225 -8.51 -19.48 29.61
CA ILE A 225 -9.50 -20.51 29.18
C ILE A 225 -9.38 -20.67 27.66
N ASN A 226 -8.87 -21.81 27.19
CA ASN A 226 -8.86 -22.19 25.76
C ASN A 226 -10.28 -22.63 25.39
N GLY A 227 -11.02 -21.80 24.66
CA GLY A 227 -12.40 -22.07 24.26
C GLY A 227 -12.75 -21.49 22.90
N ASP A 228 -14.03 -21.21 22.68
CA ASP A 228 -14.58 -20.71 21.39
C ASP A 228 -15.91 -20.02 21.72
N PHE A 229 -15.97 -18.69 21.64
CA PHE A 229 -17.16 -17.90 22.08
C PHE A 229 -18.35 -18.12 21.15
N PHE A 230 -18.19 -18.89 20.07
CA PHE A 230 -19.30 -19.32 19.18
C PHE A 230 -19.96 -20.59 19.75
N LYS A 231 -19.20 -21.41 20.49
CA LYS A 231 -19.71 -22.64 21.16
C LYS A 231 -20.37 -22.26 22.48
N LEU A 232 -19.61 -21.71 23.44
CA LEU A 232 -20.21 -21.11 24.67
C LEU A 232 -19.26 -20.07 25.27
N VAL A 233 -19.84 -19.19 26.08
CA VAL A 233 -19.13 -18.25 26.99
C VAL A 233 -19.33 -18.77 28.41
N PRO A 234 -18.25 -18.93 29.21
CA PRO A 234 -18.37 -19.41 30.59
C PRO A 234 -19.29 -18.52 31.46
N SER A 235 -20.16 -19.14 32.24
CA SER A 235 -21.02 -18.49 33.26
C SER A 235 -20.20 -18.23 34.53
N GLY A 236 -20.76 -17.48 35.47
CA GLY A 236 -20.19 -17.25 36.82
C GLY A 236 -19.35 -15.99 36.90
N TYR A 237 -19.46 -15.09 35.91
CA TYR A 237 -18.75 -13.79 35.87
C TYR A 237 -19.77 -12.65 35.97
N ASP A 238 -19.45 -11.60 36.72
CA ASP A 238 -20.32 -10.42 36.89
C ASP A 238 -19.88 -9.30 35.92
N LEU A 239 -18.73 -9.45 35.26
CA LEU A 239 -18.28 -8.55 34.15
C LEU A 239 -17.75 -9.39 32.98
N TYR A 240 -18.29 -9.15 31.78
CA TYR A 240 -17.81 -9.71 30.49
C TYR A 240 -17.28 -8.54 29.64
N ILE A 241 -15.98 -8.54 29.33
CA ILE A 241 -15.33 -7.49 28.50
C ILE A 241 -15.16 -8.03 27.07
N LEU A 242 -15.64 -7.29 26.08
CA LEU A 242 -15.39 -7.53 24.63
C LEU A 242 -14.66 -6.30 24.08
N LYS A 243 -13.33 -6.32 24.12
CA LYS A 243 -12.47 -5.24 23.55
C LYS A 243 -12.02 -5.63 22.14
N ASN A 244 -12.34 -4.80 21.14
CA ASN A 244 -11.91 -4.96 19.74
C ASN A 244 -12.28 -6.36 19.24
N VAL A 245 -13.49 -6.83 19.57
CA VAL A 245 -14.02 -8.17 19.14
C VAL A 245 -15.14 -7.95 18.11
N ILE A 246 -16.16 -7.17 18.47
CA ILE A 246 -17.44 -7.04 17.70
C ILE A 246 -17.15 -6.60 16.25
N HIS A 247 -16.15 -5.74 16.04
CA HIS A 247 -15.81 -5.17 14.71
C HIS A 247 -15.14 -6.23 13.80
N ASN A 248 -14.79 -7.39 14.35
CA ASN A 248 -14.20 -8.52 13.59
C ASN A 248 -15.29 -9.37 12.92
N TRP A 249 -16.58 -9.07 13.11
CA TRP A 249 -17.67 -10.04 12.81
C TRP A 249 -18.83 -9.38 12.07
N SER A 250 -19.47 -10.16 11.18
CA SER A 250 -20.78 -9.84 10.55
C SER A 250 -21.83 -9.68 11.64
N ASP A 251 -22.99 -9.13 11.28
CA ASP A 251 -24.14 -8.91 12.20
C ASP A 251 -24.57 -10.26 12.80
N SER A 252 -24.68 -11.31 11.98
CA SER A 252 -25.14 -12.66 12.41
C SER A 252 -24.12 -13.24 13.41
N ASN A 253 -22.82 -13.18 13.10
CA ASN A 253 -21.74 -13.72 13.97
C ASN A 253 -21.64 -12.89 15.26
N ALA A 254 -21.78 -11.56 15.16
CA ALA A 254 -21.76 -10.63 16.32
C ALA A 254 -22.89 -10.99 17.30
N ILE A 255 -24.11 -11.19 16.78
CA ILE A 255 -25.31 -11.54 17.59
C ILE A 255 -25.07 -12.89 18.29
N LEU A 256 -24.45 -13.85 17.59
CA LEU A 256 -24.18 -15.21 18.14
C LEU A 256 -23.23 -15.12 19.35
N ILE A 257 -22.25 -14.21 19.30
CA ILE A 257 -21.31 -13.95 20.42
C ILE A 257 -22.12 -13.37 21.60
N LEU A 258 -22.90 -12.31 21.35
CA LEU A 258 -23.71 -11.61 22.38
C LEU A 258 -24.75 -12.56 22.97
N GLU A 259 -25.36 -13.41 22.13
CA GLU A 259 -26.34 -14.46 22.55
C GLU A 259 -25.67 -15.45 23.50
N ASN A 260 -24.46 -15.92 23.18
CA ASN A 260 -23.71 -16.89 24.02
C ASN A 260 -23.33 -16.22 25.34
N CYS A 261 -22.97 -14.93 25.32
CA CYS A 261 -22.72 -14.10 26.54
C CYS A 261 -24.00 -14.05 27.38
N ARG A 262 -25.15 -13.83 26.74
CA ARG A 262 -26.48 -13.68 27.41
C ARG A 262 -26.86 -14.98 28.15
N LYS A 263 -26.66 -16.12 27.50
CA LYS A 263 -26.96 -17.47 28.07
C LYS A 263 -26.03 -17.72 29.27
N ALA A 264 -24.84 -17.14 29.27
CA ALA A 264 -23.81 -17.29 30.34
C ALA A 264 -24.15 -16.39 31.54
N MET A 265 -24.81 -15.26 31.27
CA MET A 265 -24.99 -14.16 32.26
C MET A 265 -26.27 -14.35 33.07
N ASP A 266 -26.22 -13.95 34.34
CA ASP A 266 -27.42 -13.73 35.20
C ASP A 266 -27.81 -12.26 35.10
N ASP A 267 -28.93 -11.88 35.70
CA ASP A 267 -29.63 -10.57 35.47
C ASP A 267 -28.75 -9.40 35.94
N ASN A 268 -27.86 -9.61 36.90
CA ASN A 268 -27.01 -8.54 37.52
C ASN A 268 -25.71 -8.33 36.74
N ALA A 269 -25.37 -9.19 35.78
CA ALA A 269 -24.05 -9.23 35.10
C ALA A 269 -23.95 -8.11 34.06
N THR A 270 -22.74 -7.56 33.88
CA THR A 270 -22.43 -6.44 32.96
C THR A 270 -21.61 -6.95 31.78
N ILE A 271 -21.92 -6.48 30.57
CA ILE A 271 -21.01 -6.54 29.38
C ILE A 271 -20.43 -5.14 29.15
N LEU A 272 -19.11 -5.06 28.95
CA LEU A 272 -18.41 -3.85 28.46
C LEU A 272 -17.94 -4.07 27.03
N LEU A 273 -18.55 -3.38 26.05
CA LEU A 273 -18.02 -3.29 24.66
C LEU A 273 -16.99 -2.17 24.61
N ILE A 274 -15.72 -2.51 24.42
CA ILE A 274 -14.60 -1.54 24.27
C ILE A 274 -14.08 -1.62 22.84
N GLY A 275 -14.06 -0.49 22.15
CA GLY A 275 -13.57 -0.39 20.76
C GLY A 275 -14.14 0.81 20.05
N THR A 276 -13.96 0.85 18.73
CA THR A 276 -14.38 1.98 17.87
C THR A 276 -15.91 2.02 17.83
N VAL A 277 -16.48 3.20 18.04
CA VAL A 277 -17.92 3.51 17.79
C VAL A 277 -17.96 4.61 16.74
N LYS A 278 -18.44 4.30 15.52
CA LYS A 278 -18.44 5.26 14.40
C LYS A 278 -19.26 6.50 14.78
N LYS A 279 -18.67 7.69 14.62
CA LYS A 279 -19.30 9.00 14.94
C LYS A 279 -18.40 10.11 14.41
N LEU A 280 -17.16 10.18 14.91
CA LEU A 280 -16.13 11.13 14.43
C LEU A 280 -15.70 10.74 13.01
N LYS A 281 -15.68 11.71 12.10
CA LYS A 281 -15.43 11.47 10.65
C LYS A 281 -13.91 11.44 10.43
N LEU A 282 -13.26 10.39 10.94
CA LEU A 282 -11.79 10.17 10.87
C LEU A 282 -11.47 9.10 9.81
N GLU A 283 -10.42 9.37 9.04
CA GLU A 283 -9.97 8.50 7.92
C GLU A 283 -9.46 7.16 8.47
N ILE A 284 -8.79 7.14 9.63
CA ILE A 284 -8.30 5.88 10.26
C ILE A 284 -9.50 4.95 10.58
N ILE A 285 -10.65 5.52 10.93
CA ILE A 285 -11.89 4.71 11.21
C ILE A 285 -12.41 4.14 9.89
N ASP A 286 -12.53 4.98 8.85
CA ASP A 286 -13.02 4.55 7.51
C ASP A 286 -12.09 3.45 6.95
N SER A 287 -10.78 3.64 7.05
CA SER A 287 -9.77 2.72 6.46
C SER A 287 -9.78 1.39 7.22
N THR A 288 -9.94 1.43 8.55
CA THR A 288 -10.02 0.24 9.43
C THR A 288 -11.34 -0.49 9.15
N ASP A 289 -12.42 0.25 8.89
CA ASP A 289 -13.74 -0.30 8.50
C ASP A 289 -13.55 -1.20 7.27
N ILE A 290 -12.82 -0.72 6.26
CA ILE A 290 -12.59 -1.48 4.99
C ILE A 290 -11.64 -2.66 5.27
N LEU A 291 -10.64 -2.49 6.13
CA LEU A 291 -9.71 -3.61 6.48
C LEU A 291 -10.49 -4.73 7.17
N MET A 292 -11.41 -4.40 8.07
CA MET A 292 -12.28 -5.38 8.78
C MET A 292 -13.11 -6.15 7.73
N ASP A 293 -13.62 -5.44 6.72
CA ASP A 293 -14.35 -6.06 5.59
C ASP A 293 -13.44 -7.07 4.88
N VAL A 294 -12.20 -6.67 4.56
CA VAL A 294 -11.23 -7.48 3.77
C VAL A 294 -10.83 -8.72 4.56
N LEU A 295 -10.43 -8.53 5.82
CA LEU A 295 -9.82 -9.59 6.66
C LEU A 295 -10.90 -10.54 7.18
N LEU A 296 -12.06 -10.02 7.56
CA LEU A 296 -13.01 -10.70 8.48
C LEU A 296 -14.48 -10.53 8.07
N LEU A 297 -14.80 -9.81 6.99
CA LEU A 297 -16.18 -9.36 6.68
C LEU A 297 -16.80 -8.72 7.93
N GLY A 298 -15.96 -8.04 8.72
CA GLY A 298 -16.39 -7.24 9.88
C GLY A 298 -16.72 -5.81 9.45
N LYS A 299 -16.91 -4.93 10.42
CA LYS A 299 -17.23 -3.50 10.16
C LYS A 299 -17.09 -2.71 11.46
N GLU A 300 -16.79 -1.42 11.34
CA GLU A 300 -17.01 -0.43 12.41
C GLU A 300 -18.49 -0.06 12.38
N ARG A 301 -19.11 0.18 13.53
CA ARG A 301 -20.58 0.37 13.67
C ARG A 301 -20.89 1.69 14.38
N TYR A 302 -22.00 2.32 13.98
CA TYR A 302 -22.65 3.45 14.69
C TYR A 302 -23.29 2.91 15.97
N LEU A 303 -23.58 3.79 16.92
CA LEU A 303 -24.16 3.40 18.24
C LEU A 303 -25.48 2.66 18.04
N ASN A 304 -26.36 3.18 17.18
CA ASN A 304 -27.70 2.60 16.90
C ASN A 304 -27.54 1.17 16.35
N GLU A 305 -26.50 0.92 15.55
CA GLU A 305 -26.20 -0.40 14.96
C GLU A 305 -25.78 -1.37 16.07
N LEU A 306 -24.90 -0.92 16.96
CA LEU A 306 -24.44 -1.68 18.15
C LEU A 306 -25.62 -1.90 19.09
N GLU A 307 -26.47 -0.88 19.23
CA GLU A 307 -27.74 -0.90 20.01
C GLU A 307 -28.66 -1.99 19.45
N ASP A 308 -28.83 -2.04 18.13
CA ASP A 308 -29.69 -3.03 17.41
C ASP A 308 -29.18 -4.44 17.69
N LEU A 309 -27.85 -4.67 17.60
CA LEU A 309 -27.20 -5.97 17.93
C LEU A 309 -27.52 -6.33 19.38
N ALA A 310 -27.31 -5.38 20.30
CA ALA A 310 -27.49 -5.56 21.77
C ALA A 310 -28.92 -6.02 22.06
N HIS A 311 -29.92 -5.29 21.55
CA HIS A 311 -31.36 -5.57 21.74
C HIS A 311 -31.69 -6.97 21.23
N GLN A 312 -31.23 -7.32 20.03
CA GLN A 312 -31.51 -8.61 19.35
C GLN A 312 -30.94 -9.77 20.20
N ALA A 313 -29.81 -9.53 20.89
CA ALA A 313 -29.13 -10.51 21.76
C ALA A 313 -29.77 -10.55 23.15
N GLY A 314 -30.65 -9.59 23.45
CA GLY A 314 -31.43 -9.51 24.70
C GLY A 314 -30.76 -8.66 25.76
N PHE A 315 -30.09 -7.56 25.34
CA PHE A 315 -29.40 -6.58 26.22
C PHE A 315 -29.96 -5.17 25.98
N VAL A 316 -29.66 -4.24 26.88
CA VAL A 316 -29.94 -2.78 26.74
C VAL A 316 -28.66 -2.00 27.04
N VAL A 317 -28.49 -0.85 26.38
CA VAL A 317 -27.35 0.09 26.61
C VAL A 317 -27.64 0.85 27.90
N LYS A 318 -26.78 0.72 28.92
CA LYS A 318 -26.94 1.41 30.22
C LYS A 318 -26.17 2.73 30.20
N ASP A 319 -25.06 2.81 29.45
CA ASP A 319 -24.17 4.00 29.43
C ASP A 319 -23.17 3.92 28.27
N ILE A 320 -22.69 5.08 27.82
CA ILE A 320 -21.58 5.24 26.83
C ILE A 320 -20.59 6.26 27.39
N LYS A 321 -19.28 5.96 27.28
CA LYS A 321 -18.18 6.84 27.74
C LYS A 321 -17.08 6.86 26.68
N GLU A 322 -16.66 8.06 26.27
CA GLU A 322 -15.58 8.28 25.28
C GLU A 322 -14.23 7.99 25.95
N ILE A 323 -13.40 7.17 25.33
CA ILE A 323 -11.98 6.97 25.74
C ILE A 323 -11.14 8.01 24.99
N ASN A 324 -11.29 8.07 23.66
CA ASN A 324 -10.57 9.03 22.79
C ASN A 324 -11.36 9.19 21.48
N GLU A 325 -10.71 9.69 20.42
CA GLU A 325 -11.33 10.00 19.11
C GLU A 325 -11.73 8.71 18.41
N LYS A 326 -11.03 7.61 18.68
CA LYS A 326 -11.25 6.28 18.07
C LYS A 326 -12.22 5.47 18.94
N TYR A 327 -11.97 5.39 20.25
CA TYR A 327 -12.56 4.35 21.15
C TYR A 327 -13.56 4.96 22.13
N SER A 328 -14.63 4.21 22.38
CA SER A 328 -15.64 4.44 23.45
C SER A 328 -15.85 3.13 24.23
N ILE A 329 -16.47 3.25 25.41
CA ILE A 329 -16.98 2.12 26.23
C ILE A 329 -18.51 2.13 26.13
N ILE A 330 -19.12 0.98 25.82
CA ILE A 330 -20.60 0.77 25.88
C ILE A 330 -20.89 -0.26 26.99
N GLU A 331 -21.64 0.14 28.01
CA GLU A 331 -22.06 -0.73 29.14
C GLU A 331 -23.43 -1.34 28.80
N LEU A 332 -23.49 -2.66 28.64
CA LEU A 332 -24.75 -3.42 28.37
C LEU A 332 -25.20 -4.12 29.66
N GLY A 333 -26.52 -4.29 29.81
CA GLY A 333 -27.17 -5.00 30.93
C GLY A 333 -28.30 -5.89 30.44
N VAL A 334 -28.89 -6.67 31.36
CA VAL A 334 -29.98 -7.67 31.11
C VAL A 334 -29.33 -8.95 30.58
N LEU B 13 -10.24 12.69 21.16
CA LEU B 13 -9.55 13.21 22.38
C LEU B 13 -8.03 13.29 22.14
N TYR B 14 -7.33 12.15 22.20
CA TYR B 14 -5.85 12.05 22.24
C TYR B 14 -5.24 12.39 20.87
N PHE B 15 -5.45 11.52 19.87
CA PHE B 15 -4.79 11.53 18.54
C PHE B 15 -3.30 11.19 18.68
N GLN B 16 -2.95 10.32 19.62
CA GLN B 16 -1.54 9.87 19.85
C GLN B 16 -1.10 9.02 18.67
N GLY B 17 -0.09 9.50 17.93
CA GLY B 17 0.58 8.78 16.83
C GLY B 17 -0.25 8.76 15.55
N SER B 18 -1.25 9.65 15.42
CA SER B 18 -2.22 9.67 14.30
C SER B 18 -1.48 9.90 12.97
N MET B 19 -0.48 10.79 12.94
CA MET B 19 0.29 11.07 11.70
C MET B 19 1.07 9.81 11.29
N LEU B 20 1.79 9.17 12.22
CA LEU B 20 2.58 7.94 11.94
C LEU B 20 1.63 6.81 11.49
N ILE B 21 0.47 6.66 12.13
CA ILE B 21 -0.52 5.60 11.80
C ILE B 21 -1.11 5.86 10.41
N ASP B 22 -1.30 7.13 10.03
CA ASP B 22 -1.73 7.52 8.67
C ASP B 22 -0.68 7.08 7.64
N LEU B 23 0.60 7.34 7.89
CA LEU B 23 1.70 6.93 6.98
C LEU B 23 1.74 5.39 6.90
N ILE B 24 1.66 4.72 8.04
CA ILE B 24 1.74 3.23 8.15
C ILE B 24 0.60 2.61 7.32
N THR B 25 -0.60 3.21 7.35
CA THR B 25 -1.83 2.68 6.69
C THR B 25 -2.03 3.27 5.31
N SER B 26 -1.05 4.03 4.79
CA SER B 26 -1.11 4.69 3.45
C SER B 26 -1.46 3.66 2.35
N CYS B 27 -0.96 2.44 2.46
CA CYS B 27 -1.15 1.36 1.45
C CYS B 27 -2.65 1.04 1.26
N ARG B 28 -3.47 1.26 2.30
CA ARG B 28 -4.95 1.06 2.26
C ARG B 28 -5.58 1.92 1.16
N LYS B 29 -5.03 3.11 0.90
CA LYS B 29 -5.51 4.01 -0.19
C LYS B 29 -5.23 3.38 -1.56
N SER B 30 -4.03 2.82 -1.75
CA SER B 30 -3.65 2.10 -3.00
C SER B 30 -4.59 0.91 -3.21
N THR B 31 -4.84 0.12 -2.16
CA THR B 31 -5.58 -1.16 -2.31
C THR B 31 -7.07 -0.88 -2.54
N VAL B 32 -7.64 0.20 -1.98
CA VAL B 32 -9.09 0.49 -2.25
C VAL B 32 -9.21 1.03 -3.67
N ILE B 33 -8.21 1.78 -4.15
CA ILE B 33 -8.23 2.30 -5.55
C ILE B 33 -8.12 1.12 -6.52
N TYR B 34 -7.25 0.15 -6.23
CA TYR B 34 -7.11 -1.09 -7.03
C TYR B 34 -8.48 -1.77 -7.14
N ALA B 35 -9.12 -2.00 -5.97
CA ALA B 35 -10.42 -2.70 -5.84
C ALA B 35 -11.48 -1.95 -6.67
N PHE B 36 -11.54 -0.63 -6.53
CA PHE B 36 -12.49 0.22 -7.33
C PHE B 36 -12.23 -0.01 -8.83
N VAL B 37 -10.97 0.12 -9.28
CA VAL B 37 -10.58 -0.08 -10.71
C VAL B 37 -10.95 -1.52 -11.13
N ASP B 38 -10.61 -2.51 -10.31
CA ASP B 38 -10.73 -3.94 -10.66
C ASP B 38 -12.21 -4.34 -10.83
N MET B 39 -13.13 -3.64 -10.14
CA MET B 39 -14.59 -3.93 -10.20
C MET B 39 -15.17 -3.54 -11.56
N GLY B 40 -14.49 -2.70 -12.34
CA GLY B 40 -14.85 -2.34 -13.72
C GLY B 40 -16.11 -1.47 -13.81
N LEU B 41 -16.44 -0.71 -12.76
CA LEU B 41 -17.66 0.14 -12.67
C LEU B 41 -17.39 1.59 -13.09
N SER B 42 -16.13 2.00 -13.19
CA SER B 42 -15.71 3.43 -13.30
C SER B 42 -16.36 4.04 -14.56
N VAL B 43 -16.70 3.21 -15.53
CA VAL B 43 -17.39 3.63 -16.80
C VAL B 43 -18.65 4.43 -16.47
N HIS B 44 -19.38 4.08 -15.40
CA HIS B 44 -20.60 4.78 -14.93
C HIS B 44 -20.23 6.15 -14.34
N PHE B 45 -18.96 6.36 -14.00
CA PHE B 45 -18.44 7.64 -13.42
C PHE B 45 -17.84 8.53 -14.51
N LYS B 46 -17.99 8.15 -15.78
CA LYS B 46 -17.51 8.93 -16.96
C LYS B 46 -18.15 10.31 -16.96
N ASP B 47 -17.41 11.31 -17.45
CA ASP B 47 -17.87 12.70 -17.70
C ASP B 47 -18.42 13.30 -16.40
N GLY B 48 -17.82 12.97 -15.25
CA GLY B 48 -18.23 13.44 -13.92
C GLY B 48 -19.69 13.16 -13.60
N ALA B 49 -20.24 12.04 -14.10
CA ALA B 49 -21.66 11.66 -13.89
C ALA B 49 -21.88 11.39 -12.38
N CYS B 50 -23.04 11.80 -11.86
CA CYS B 50 -23.48 11.49 -10.49
C CYS B 50 -24.04 10.06 -10.47
N VAL B 51 -23.46 9.19 -9.65
CA VAL B 51 -23.84 7.75 -9.59
C VAL B 51 -24.62 7.49 -8.29
N ASN B 52 -25.79 6.88 -8.43
CA ASN B 52 -26.65 6.44 -7.30
C ASN B 52 -26.14 5.09 -6.80
N ILE B 53 -25.67 5.03 -5.55
CA ILE B 53 -24.96 3.84 -4.96
C ILE B 53 -25.91 2.64 -4.96
N SER B 54 -27.16 2.83 -4.51
CA SER B 54 -28.17 1.75 -4.39
C SER B 54 -28.50 1.17 -5.77
N GLU B 55 -28.68 2.04 -6.78
CA GLU B 55 -28.99 1.64 -8.17
C GLU B 55 -27.83 0.83 -8.76
N LEU B 56 -26.59 1.31 -8.58
CA LEU B 56 -25.37 0.64 -9.12
C LEU B 56 -25.21 -0.73 -8.46
N ALA B 57 -25.34 -0.79 -7.14
CA ALA B 57 -25.27 -2.02 -6.32
C ALA B 57 -26.29 -3.04 -6.84
N SER B 58 -27.54 -2.61 -7.08
N SER B 58 -27.53 -2.60 -7.09
CA SER B 58 -28.64 -3.44 -7.61
CA SER B 58 -28.64 -3.44 -7.61
C SER B 58 -28.28 -3.98 -8.99
C SER B 58 -28.30 -3.97 -9.00
N GLN B 59 -27.84 -3.10 -9.90
CA GLN B 59 -27.50 -3.45 -11.31
C GLN B 59 -26.41 -4.52 -11.35
N TYR B 60 -25.42 -4.47 -10.46
CA TYR B 60 -24.22 -5.35 -10.49
C TYR B 60 -24.32 -6.48 -9.47
N GLY B 61 -25.37 -6.52 -8.65
CA GLY B 61 -25.53 -7.52 -7.57
C GLY B 61 -24.46 -7.37 -6.50
N LEU B 62 -24.10 -6.14 -6.13
CA LEU B 62 -23.14 -5.86 -5.02
C LEU B 62 -23.92 -5.83 -3.71
N ASP B 63 -23.28 -6.18 -2.59
CA ASP B 63 -23.86 -5.91 -1.25
C ASP B 63 -23.90 -4.39 -1.09
N HIS B 64 -25.11 -3.81 -1.01
CA HIS B 64 -25.36 -2.34 -0.99
C HIS B 64 -24.53 -1.69 0.14
N SER B 65 -24.56 -2.23 1.35
CA SER B 65 -23.92 -1.62 2.55
C SER B 65 -22.40 -1.75 2.45
N ARG B 66 -21.89 -2.91 2.01
CA ARG B 66 -20.42 -3.11 1.84
C ARG B 66 -19.89 -2.13 0.78
N PHE B 67 -20.60 -1.97 -0.33
CA PHE B 67 -20.20 -1.07 -1.44
C PHE B 67 -20.34 0.41 -1.00
N SER B 68 -21.40 0.75 -0.26
CA SER B 68 -21.55 2.13 0.27
C SER B 68 -20.36 2.46 1.19
N ARG B 69 -19.91 1.50 2.00
CA ARG B 69 -18.77 1.68 2.95
C ARG B 69 -17.46 1.91 2.18
N LEU B 70 -17.23 1.19 1.07
CA LEU B 70 -16.11 1.45 0.14
C LEU B 70 -16.19 2.90 -0.37
N CYS B 71 -17.35 3.29 -0.89
CA CYS B 71 -17.60 4.65 -1.46
C CYS B 71 -17.30 5.73 -0.42
N GLU B 72 -17.68 5.53 0.85
CA GLU B 72 -17.44 6.50 1.95
C GLU B 72 -15.92 6.70 2.13
N TYR B 73 -15.14 5.62 2.12
CA TYR B 73 -13.66 5.72 2.29
C TYR B 73 -13.06 6.44 1.07
N LEU B 74 -13.55 6.10 -0.14
CA LEU B 74 -13.10 6.75 -1.40
C LEU B 74 -13.38 8.26 -1.37
N ILE B 75 -14.49 8.69 -0.76
CA ILE B 75 -14.77 10.15 -0.56
C ILE B 75 -13.69 10.75 0.36
N LYS B 76 -13.40 10.06 1.46
CA LYS B 76 -12.50 10.54 2.54
C LYS B 76 -11.08 10.74 1.99
N ILE B 77 -10.59 9.86 1.10
CA ILE B 77 -9.20 9.95 0.55
C ILE B 77 -9.19 10.88 -0.68
N GLY B 78 -10.36 11.25 -1.22
CA GLY B 78 -10.49 12.28 -2.27
C GLY B 78 -10.72 11.71 -3.67
N VAL B 79 -10.99 10.42 -3.80
CA VAL B 79 -11.26 9.76 -5.11
C VAL B 79 -12.68 10.16 -5.56
N LEU B 80 -13.65 10.03 -4.68
CA LEU B 80 -15.07 10.38 -4.96
C LEU B 80 -15.43 11.66 -4.22
N VAL B 81 -16.47 12.35 -4.70
CA VAL B 81 -17.12 13.50 -4.00
C VAL B 81 -18.61 13.22 -3.96
N SER B 82 -19.30 13.78 -2.97
CA SER B 82 -20.78 13.71 -2.82
C SER B 82 -21.42 14.52 -3.95
N CYS B 83 -22.52 13.99 -4.50
CA CYS B 83 -23.46 14.72 -5.37
C CYS B 83 -24.88 14.42 -4.87
N ASN B 84 -25.89 15.12 -5.39
CA ASN B 84 -27.28 15.03 -4.86
C ASN B 84 -27.76 13.58 -4.86
N GLU B 85 -27.45 12.77 -5.89
CA GLU B 85 -28.00 11.39 -6.02
C GLU B 85 -27.04 10.35 -5.44
N GLY B 86 -25.81 10.72 -5.05
CA GLY B 86 -24.82 9.76 -4.51
C GLY B 86 -23.40 10.27 -4.62
N VAL B 87 -22.59 9.70 -5.53
CA VAL B 87 -21.14 9.98 -5.64
C VAL B 87 -20.74 10.21 -7.11
N ALA B 88 -19.74 11.07 -7.31
CA ALA B 88 -19.07 11.32 -8.59
C ALA B 88 -17.56 11.19 -8.37
N LEU B 89 -16.80 10.89 -9.42
CA LEU B 89 -15.32 11.00 -9.38
C LEU B 89 -14.97 12.48 -9.21
N SER B 90 -14.04 12.80 -8.31
CA SER B 90 -13.40 14.14 -8.26
C SER B 90 -12.76 14.39 -9.62
N GLU B 91 -12.76 15.64 -10.07
N GLU B 91 -12.75 15.63 -10.10
CA GLU B 91 -12.10 16.09 -11.31
CA GLU B 91 -12.11 15.97 -11.41
C GLU B 91 -10.65 15.58 -11.31
C GLU B 91 -10.65 15.49 -11.37
N GLU B 92 -9.99 15.62 -10.15
N GLU B 92 -10.01 15.61 -10.20
CA GLU B 92 -8.58 15.19 -9.96
CA GLU B 92 -8.60 15.19 -9.97
C GLU B 92 -8.40 13.70 -10.32
C GLU B 92 -8.41 13.71 -10.30
N CYS B 93 -9.41 12.87 -10.04
CA CYS B 93 -9.35 11.39 -10.23
C CYS B 93 -10.23 10.94 -11.40
N SER B 94 -10.58 11.85 -12.31
CA SER B 94 -11.46 11.57 -13.47
C SER B 94 -10.85 10.49 -14.38
N ALA B 95 -9.53 10.30 -14.36
CA ALA B 95 -8.82 9.30 -15.20
C ALA B 95 -9.24 7.87 -14.85
N LEU B 96 -9.71 7.62 -13.61
CA LEU B 96 -10.15 6.28 -13.17
C LEU B 96 -11.46 5.88 -13.87
N ALA B 97 -12.14 6.82 -14.53
CA ALA B 97 -13.38 6.58 -15.31
C ALA B 97 -13.03 5.75 -16.56
N ASP B 98 -11.84 5.99 -17.13
CA ASP B 98 -11.31 5.24 -18.29
C ASP B 98 -10.56 4.02 -17.76
N PRO B 99 -11.09 2.79 -17.97
CA PRO B 99 -10.42 1.59 -17.48
C PRO B 99 -9.09 1.32 -18.19
N GLU B 100 -8.85 2.00 -19.32
CA GLU B 100 -7.62 1.85 -20.13
C GLU B 100 -6.69 3.06 -19.91
N SER B 101 -6.99 3.92 -18.93
CA SER B 101 -6.14 5.10 -18.59
C SER B 101 -4.78 4.62 -18.08
N MET B 102 -3.76 5.47 -18.16
CA MET B 102 -2.42 5.18 -17.58
C MET B 102 -2.59 4.85 -16.09
N GLU B 103 -3.40 5.65 -15.39
CA GLU B 103 -3.61 5.54 -13.92
C GLU B 103 -4.31 4.22 -13.58
N SER B 104 -5.35 3.85 -14.34
CA SER B 104 -6.08 2.57 -14.16
C SER B 104 -5.10 1.39 -14.24
N LEU B 105 -4.17 1.44 -15.20
CA LEU B 105 -3.19 0.34 -15.44
C LEU B 105 -2.05 0.46 -14.42
N MET B 106 -1.69 1.68 -14.03
CA MET B 106 -0.60 1.92 -13.05
C MET B 106 -0.91 1.18 -11.75
N ILE B 107 -2.13 1.34 -11.21
CA ILE B 107 -2.50 0.76 -9.88
C ILE B 107 -2.44 -0.78 -9.96
N ARG B 108 -2.67 -1.38 -11.13
CA ARG B 108 -2.63 -2.85 -11.29
C ARG B 108 -1.19 -3.34 -11.06
N CYS B 109 -0.20 -2.57 -11.52
CA CYS B 109 1.24 -2.88 -11.33
C CYS B 109 1.63 -2.58 -9.89
N GLU B 110 1.22 -1.41 -9.40
CA GLU B 110 1.65 -0.84 -8.11
C GLU B 110 1.37 -1.83 -6.96
N VAL B 111 0.20 -2.46 -6.94
CA VAL B 111 -0.18 -3.38 -5.82
C VAL B 111 -0.19 -4.83 -6.32
N SER B 112 0.52 -5.13 -7.41
CA SER B 112 0.76 -6.51 -7.91
C SER B 112 1.50 -7.31 -6.85
N PRO B 113 1.25 -8.63 -6.73
CA PRO B 113 2.05 -9.48 -5.85
C PRO B 113 3.56 -9.34 -6.13
N GLU B 114 3.91 -9.08 -7.39
CA GLU B 114 5.31 -8.87 -7.87
C GLU B 114 5.93 -7.70 -7.11
N TYR B 115 5.22 -6.58 -7.04
CA TYR B 115 5.72 -5.34 -6.38
C TYR B 115 5.77 -5.58 -4.86
N TRP B 116 4.67 -6.06 -4.27
CA TRP B 116 4.55 -6.31 -2.82
C TRP B 116 5.74 -7.15 -2.34
N LYS B 117 5.99 -8.28 -2.99
CA LYS B 117 7.02 -9.25 -2.53
C LYS B 117 8.43 -8.66 -2.73
N ALA B 118 8.64 -7.92 -3.82
CA ALA B 118 9.88 -7.15 -4.07
C ALA B 118 10.11 -6.15 -2.92
N TRP B 119 9.07 -5.38 -2.54
CA TRP B 119 9.13 -4.40 -1.42
C TRP B 119 9.54 -5.07 -0.10
N SER B 120 8.99 -6.26 0.18
N SER B 120 9.01 -6.26 0.20
CA SER B 120 9.31 -7.10 1.38
CA SER B 120 9.33 -7.02 1.43
C SER B 120 10.82 -7.31 1.50
C SER B 120 10.83 -7.34 1.51
N MET B 121 11.52 -7.44 0.37
CA MET B 121 12.96 -7.83 0.31
C MET B 121 13.87 -6.61 0.11
N TYR B 122 13.31 -5.40 0.13
CA TYR B 122 14.05 -4.12 -0.04
C TYR B 122 15.10 -3.97 1.08
N SER B 123 14.69 -4.26 2.33
CA SER B 123 15.55 -4.25 3.54
C SER B 123 16.77 -5.18 3.33
N LYS B 124 16.56 -6.36 2.76
CA LYS B 124 17.62 -7.39 2.56
C LYS B 124 18.53 -6.98 1.39
N SER B 125 18.01 -6.24 0.41
CA SER B 125 18.75 -5.81 -0.80
C SER B 125 19.77 -4.71 -0.46
N LEU B 126 19.55 -3.96 0.62
CA LEU B 126 20.35 -2.74 0.95
C LEU B 126 21.69 -3.14 1.59
N TYR B 127 21.85 -4.40 2.00
CA TYR B 127 23.08 -4.91 2.66
C TYR B 127 24.21 -4.94 1.63
N GLU B 128 25.30 -4.23 1.98
CA GLU B 128 26.51 -3.91 1.16
C GLU B 128 27.02 -5.17 0.45
N ASN B 129 27.03 -6.31 1.16
CA ASN B 129 27.59 -7.60 0.69
C ASN B 129 26.78 -8.16 -0.50
N ASN B 130 25.50 -7.79 -0.61
CA ASN B 130 24.58 -8.32 -1.65
C ASN B 130 24.70 -7.46 -2.93
N SER B 131 24.40 -8.06 -4.09
CA SER B 131 24.39 -7.37 -5.42
C SER B 131 23.11 -7.71 -6.21
N LYS B 132 22.12 -8.39 -5.60
CA LYS B 132 20.85 -8.79 -6.25
C LYS B 132 19.79 -7.70 -6.02
N THR B 133 18.88 -7.49 -6.98
CA THR B 133 17.70 -6.59 -6.80
C THR B 133 16.77 -7.22 -5.77
N ALA B 134 16.01 -6.40 -5.05
CA ALA B 134 14.98 -6.86 -4.09
C ALA B 134 14.02 -7.78 -4.84
N PHE B 135 13.74 -7.44 -6.11
CA PHE B 135 12.83 -8.21 -6.99
C PHE B 135 13.38 -9.61 -7.22
N GLU B 136 14.68 -9.72 -7.52
CA GLU B 136 15.34 -11.02 -7.80
C GLU B 136 15.41 -11.84 -6.50
N ILE B 137 15.68 -11.19 -5.36
CA ILE B 137 15.70 -11.87 -4.02
C ILE B 137 14.32 -12.47 -3.78
N ALA B 138 13.26 -11.73 -4.14
CA ALA B 138 11.85 -12.13 -3.93
C ALA B 138 11.45 -13.26 -4.91
N HIS B 139 11.75 -13.10 -6.20
CA HIS B 139 11.15 -13.89 -7.31
C HIS B 139 12.12 -14.92 -7.89
N GLY B 140 13.42 -14.78 -7.65
CA GLY B 140 14.45 -15.73 -8.13
C GLY B 140 14.92 -15.42 -9.55
N LYS B 141 14.29 -14.44 -10.22
CA LYS B 141 14.71 -13.88 -11.54
C LYS B 141 14.71 -12.36 -11.49
N PRO B 142 15.52 -11.67 -12.31
CA PRO B 142 15.45 -10.22 -12.44
C PRO B 142 14.17 -9.80 -13.18
N PHE B 143 13.77 -8.54 -13.03
CA PHE B 143 12.45 -8.00 -13.45
C PHE B 143 12.13 -8.40 -14.89
N PHE B 144 13.01 -8.09 -15.85
CA PHE B 144 12.73 -8.20 -17.31
C PHE B 144 12.77 -9.68 -17.74
N GLU B 145 13.57 -10.51 -17.09
CA GLU B 145 13.55 -11.98 -17.32
C GLU B 145 12.21 -12.53 -16.84
N TYR B 146 11.74 -12.04 -15.68
CA TYR B 146 10.46 -12.45 -15.05
C TYR B 146 9.29 -12.15 -15.99
N LEU B 147 9.31 -10.99 -16.69
CA LEU B 147 8.26 -10.61 -17.68
C LEU B 147 8.06 -11.74 -18.70
N ASP B 148 9.14 -12.42 -19.13
CA ASP B 148 9.11 -13.47 -20.18
C ASP B 148 8.17 -14.62 -19.76
N HIS B 149 8.12 -14.96 -18.47
CA HIS B 149 7.44 -16.18 -17.94
C HIS B 149 6.07 -15.84 -17.34
N HIS B 150 5.66 -14.56 -17.37
CA HIS B 150 4.41 -14.09 -16.70
C HIS B 150 3.67 -13.12 -17.63
N GLU B 151 2.83 -13.69 -18.51
CA GLU B 151 2.15 -12.99 -19.62
C GLU B 151 1.21 -11.89 -19.09
N LEU B 152 0.46 -12.18 -18.02
CA LEU B 152 -0.56 -11.26 -17.44
C LEU B 152 0.15 -10.03 -16.88
N PHE B 153 1.20 -10.25 -16.06
CA PHE B 153 2.01 -9.18 -15.45
C PHE B 153 2.68 -8.34 -16.54
N ARG B 154 3.26 -8.99 -17.55
CA ARG B 154 3.90 -8.32 -18.70
C ARG B 154 2.85 -7.47 -19.45
N SER B 155 1.67 -8.04 -19.70
CA SER B 155 0.58 -7.39 -20.46
C SER B 155 0.16 -6.08 -19.78
N ASN B 156 -0.07 -6.13 -18.46
CA ASN B 156 -0.46 -4.93 -17.66
C ASN B 156 0.68 -3.91 -17.73
N PHE B 157 1.93 -4.36 -17.55
CA PHE B 157 3.14 -3.48 -17.52
C PHE B 157 3.33 -2.79 -18.87
N ASP B 158 3.33 -3.57 -19.96
CA ASP B 158 3.50 -3.06 -21.35
C ASP B 158 2.37 -2.09 -21.68
N SER B 159 1.13 -2.41 -21.28
CA SER B 159 -0.08 -1.55 -21.49
C SER B 159 0.08 -0.24 -20.73
N PHE B 160 0.46 -0.33 -19.44
CA PHE B 160 0.77 0.82 -18.57
C PHE B 160 1.75 1.75 -19.30
N MET B 161 2.84 1.21 -19.84
CA MET B 161 3.91 1.99 -20.50
C MET B 161 3.34 2.66 -21.76
N SER B 162 2.51 1.96 -22.54
CA SER B 162 1.89 2.48 -23.78
C SER B 162 1.04 3.72 -23.46
N LYS B 163 0.34 3.72 -22.33
CA LYS B 163 -0.56 4.84 -21.95
C LYS B 163 0.28 6.03 -21.46
N ASN B 164 1.47 5.77 -20.92
CA ASN B 164 2.42 6.83 -20.53
C ASN B 164 2.78 7.64 -21.77
N SER B 165 2.97 6.98 -22.91
CA SER B 165 3.27 7.64 -24.22
C SER B 165 2.08 8.47 -24.68
N ASP B 166 0.86 7.95 -24.50
CA ASP B 166 -0.40 8.67 -24.88
C ASP B 166 -0.48 10.02 -24.15
N LYS B 167 -0.07 10.06 -22.88
CA LYS B 167 -0.15 11.29 -22.03
C LYS B 167 0.77 12.40 -22.56
N ILE B 168 1.96 12.06 -23.08
CA ILE B 168 3.01 13.08 -23.39
C ILE B 168 3.06 13.37 -24.90
N ILE B 169 2.43 12.56 -25.75
CA ILE B 169 2.64 12.60 -27.23
C ILE B 169 2.35 14.00 -27.79
N GLU B 170 1.25 14.62 -27.37
CA GLU B 170 0.80 15.93 -27.91
C GLU B 170 1.91 16.97 -27.67
N LYS B 171 2.36 17.09 -26.42
CA LYS B 171 3.47 18.00 -26.01
C LYS B 171 4.76 17.62 -26.74
N LEU B 172 5.07 16.32 -26.83
CA LEU B 172 6.33 15.82 -27.45
C LEU B 172 6.43 16.28 -28.92
N LEU B 173 5.36 16.10 -29.70
CA LEU B 173 5.30 16.50 -31.14
C LEU B 173 5.44 18.03 -31.28
N ASP B 174 5.01 18.78 -30.25
CA ASP B 174 5.02 20.26 -30.27
C ASP B 174 6.46 20.78 -30.11
N ILE B 175 7.29 20.07 -29.34
CA ILE B 175 8.64 20.56 -28.89
C ILE B 175 9.76 19.85 -29.67
N TYR B 176 9.45 18.85 -30.49
CA TYR B 176 10.46 18.19 -31.37
C TYR B 176 9.82 17.89 -32.74
N ASP B 177 10.52 18.30 -33.80
CA ASP B 177 10.14 18.05 -35.21
C ASP B 177 10.62 16.66 -35.62
N PHE B 178 9.73 15.66 -35.55
CA PHE B 178 10.02 14.25 -35.92
C PHE B 178 10.03 14.11 -37.44
N SER B 179 9.35 15.01 -38.15
CA SER B 179 9.19 14.99 -39.63
C SER B 179 10.54 15.18 -40.33
N GLN B 180 11.53 15.76 -39.64
CA GLN B 180 12.90 16.01 -40.20
C GLN B 180 13.59 14.67 -40.46
N HIS B 181 13.23 13.62 -39.72
CA HIS B 181 13.86 12.28 -39.76
C HIS B 181 13.17 11.39 -40.80
N ASN B 182 13.86 10.32 -41.22
CA ASN B 182 13.38 9.35 -42.24
C ASN B 182 13.24 7.97 -41.60
N ARG B 183 14.25 7.53 -40.86
CA ARG B 183 14.30 6.21 -40.19
C ARG B 183 14.41 6.42 -38.68
N ILE B 184 13.41 5.95 -37.92
CA ILE B 184 13.25 6.16 -36.46
C ILE B 184 13.14 4.80 -35.76
N LEU B 185 14.08 4.51 -34.86
CA LEU B 185 14.07 3.29 -33.99
C LEU B 185 13.68 3.69 -32.56
N ASP B 186 12.65 3.03 -32.02
CA ASP B 186 12.22 3.15 -30.61
C ASP B 186 12.93 2.07 -29.80
N VAL B 187 14.02 2.43 -29.12
CA VAL B 187 14.91 1.50 -28.37
C VAL B 187 14.23 1.17 -27.03
N GLY B 188 13.79 -0.08 -26.85
CA GLY B 188 13.00 -0.51 -25.69
C GLY B 188 11.59 0.07 -25.73
N GLY B 189 10.99 0.09 -26.92
CA GLY B 189 9.68 0.72 -27.19
C GLY B 189 8.50 -0.18 -26.82
N GLY B 190 8.75 -1.39 -26.32
CA GLY B 190 7.70 -2.35 -25.90
C GLY B 190 6.68 -2.55 -27.00
N GLU B 191 5.41 -2.19 -26.76
CA GLU B 191 4.30 -2.36 -27.74
C GLU B 191 4.48 -1.43 -28.94
N GLY B 192 5.37 -0.43 -28.84
CA GLY B 192 5.66 0.54 -29.91
C GLY B 192 4.62 1.65 -29.99
N ASN B 193 3.89 1.90 -28.91
CA ASN B 193 2.76 2.88 -28.90
C ASN B 193 3.26 4.30 -29.12
N LEU B 194 4.48 4.64 -28.67
CA LEU B 194 5.08 5.96 -28.97
C LEU B 194 5.12 6.16 -30.49
N LEU B 195 5.60 5.16 -31.25
CA LEU B 195 5.74 5.26 -32.73
C LEU B 195 4.36 5.18 -33.38
N ILE B 196 3.44 4.38 -32.83
CA ILE B 196 2.03 4.28 -33.32
C ILE B 196 1.43 5.69 -33.29
N ARG B 197 1.60 6.42 -32.19
CA ARG B 197 0.98 7.76 -31.97
C ARG B 197 1.68 8.80 -32.86
N ILE B 198 3.00 8.72 -33.02
CA ILE B 198 3.78 9.62 -33.93
C ILE B 198 3.32 9.37 -35.37
N ASN B 199 3.21 8.08 -35.77
CA ASN B 199 2.85 7.64 -37.16
C ASN B 199 1.48 8.22 -37.56
N GLU B 200 0.56 8.34 -36.60
CA GLU B 200 -0.81 8.89 -36.83
C GLU B 200 -0.72 10.32 -37.36
N LYS B 201 0.26 11.11 -36.90
CA LYS B 201 0.44 12.54 -37.26
C LYS B 201 1.48 12.69 -38.40
N ILE B 202 2.58 11.94 -38.34
CA ILE B 202 3.72 12.04 -39.30
C ILE B 202 3.87 10.71 -40.04
N LYS B 203 3.49 10.67 -41.32
CA LYS B 203 3.39 9.44 -42.15
C LYS B 203 4.61 9.33 -43.08
N GLY B 204 4.81 8.13 -43.65
CA GLY B 204 5.77 7.88 -44.74
C GLY B 204 7.18 7.58 -44.24
N LYS B 205 7.43 7.69 -42.93
CA LYS B 205 8.76 7.40 -42.31
C LYS B 205 8.89 5.89 -42.13
N HIS B 206 10.12 5.40 -41.98
CA HIS B 206 10.44 4.02 -41.55
C HIS B 206 10.49 4.00 -40.01
N TYR B 207 9.46 3.44 -39.39
CA TYR B 207 9.33 3.27 -37.91
C TYR B 207 9.65 1.83 -37.54
N ALA B 208 10.62 1.64 -36.65
CA ALA B 208 10.99 0.31 -36.09
C ALA B 208 11.04 0.39 -34.56
N VAL B 209 10.77 -0.73 -33.89
CA VAL B 209 10.79 -0.88 -32.40
C VAL B 209 11.73 -2.03 -32.04
N LEU B 210 12.68 -1.78 -31.14
CA LEU B 210 13.57 -2.82 -30.55
C LEU B 210 13.11 -3.12 -29.12
N ASP B 211 12.87 -4.39 -28.79
CA ASP B 211 12.57 -4.85 -27.41
C ASP B 211 12.77 -6.37 -27.35
N ARG B 212 12.44 -6.98 -26.21
CA ARG B 212 12.50 -8.44 -25.97
C ARG B 212 11.08 -8.97 -26.09
N TYR B 213 10.82 -9.87 -27.06
CA TYR B 213 9.48 -10.42 -27.36
C TYR B 213 9.53 -11.94 -27.40
N ASN B 214 8.59 -12.61 -26.73
CA ASN B 214 8.31 -14.06 -26.88
C ASN B 214 7.72 -14.29 -28.28
N GLU B 215 6.84 -13.39 -28.70
CA GLU B 215 6.22 -13.33 -30.06
C GLU B 215 6.39 -11.91 -30.60
N THR B 216 7.22 -11.72 -31.63
CA THR B 216 7.50 -10.41 -32.26
C THR B 216 6.18 -9.83 -32.78
N PRO B 217 5.74 -8.65 -32.28
CA PRO B 217 4.51 -8.02 -32.77
C PRO B 217 4.59 -7.75 -34.28
N VAL B 218 3.43 -7.60 -34.92
CA VAL B 218 3.32 -7.29 -36.38
C VAL B 218 2.34 -6.12 -36.55
N LEU B 219 2.75 -5.10 -37.30
CA LEU B 219 1.94 -3.91 -37.68
C LEU B 219 2.33 -3.49 -39.09
N GLU B 220 1.40 -2.86 -39.82
CA GLU B 220 1.57 -2.46 -41.25
C GLU B 220 2.68 -1.42 -41.37
N ASP B 221 2.63 -0.36 -40.54
CA ASP B 221 3.48 0.85 -40.65
C ASP B 221 4.71 0.76 -39.72
N ILE B 222 4.68 -0.12 -38.71
CA ILE B 222 5.76 -0.24 -37.69
C ILE B 222 6.42 -1.61 -37.81
N GLU B 223 7.74 -1.66 -37.94
CA GLU B 223 8.56 -2.90 -37.91
C GLU B 223 8.96 -3.19 -36.47
N PHE B 224 8.86 -4.44 -36.02
CA PHE B 224 9.26 -4.86 -34.65
C PHE B 224 10.50 -5.75 -34.74
N ILE B 225 11.49 -5.47 -33.91
CA ILE B 225 12.81 -6.17 -33.89
C ILE B 225 13.01 -6.78 -32.51
N ASN B 226 13.08 -8.11 -32.43
CA ASN B 226 13.42 -8.83 -31.19
C ASN B 226 14.93 -8.75 -31.01
N GLY B 227 15.39 -8.17 -29.90
CA GLY B 227 16.83 -7.97 -29.68
C GLY B 227 17.17 -7.77 -28.21
N ASP B 228 18.36 -7.22 -27.97
CA ASP B 228 18.95 -6.99 -26.63
C ASP B 228 19.90 -5.80 -26.78
N PHE B 229 19.52 -4.62 -26.26
CA PHE B 229 20.30 -3.37 -26.49
C PHE B 229 21.65 -3.45 -25.74
N PHE B 230 21.86 -4.47 -24.90
CA PHE B 230 23.16 -4.73 -24.21
C PHE B 230 24.13 -5.43 -25.16
N LYS B 231 23.62 -6.17 -26.14
CA LYS B 231 24.42 -6.90 -27.16
C LYS B 231 24.73 -5.94 -28.31
N LEU B 232 23.69 -5.34 -28.91
CA LEU B 232 23.83 -4.37 -30.03
C LEU B 232 22.49 -3.66 -30.27
N VAL B 233 22.56 -2.52 -30.96
CA VAL B 233 21.40 -1.71 -31.43
C VAL B 233 21.42 -1.70 -32.95
N PRO B 234 20.28 -1.96 -33.62
CA PRO B 234 20.21 -1.89 -35.08
C PRO B 234 20.77 -0.59 -35.68
N SER B 235 21.61 -0.73 -36.70
CA SER B 235 22.29 0.39 -37.42
C SER B 235 21.35 0.98 -38.48
N GLY B 236 21.66 2.19 -38.95
CA GLY B 236 21.06 2.78 -40.16
C GLY B 236 19.85 3.65 -39.87
N TYR B 237 19.62 4.01 -38.60
CA TYR B 237 18.50 4.91 -38.19
C TYR B 237 19.08 6.30 -37.91
N ASP B 238 18.34 7.35 -38.26
CA ASP B 238 18.80 8.75 -38.08
C ASP B 238 18.19 9.33 -36.78
N LEU B 239 17.24 8.63 -36.15
CA LEU B 239 16.74 8.95 -34.79
C LEU B 239 16.60 7.67 -33.96
N TYR B 240 17.27 7.61 -32.82
CA TYR B 240 17.11 6.57 -31.76
C TYR B 240 16.41 7.19 -30.55
N ILE B 241 15.26 6.65 -30.15
CA ILE B 241 14.46 7.12 -28.98
C ILE B 241 14.66 6.15 -27.81
N LEU B 242 15.14 6.66 -26.66
CA LEU B 242 15.22 5.94 -25.36
C LEU B 242 14.25 6.60 -24.39
N LYS B 243 12.99 6.14 -24.39
CA LYS B 243 11.91 6.68 -23.53
C LYS B 243 11.74 5.76 -22.31
N ASN B 244 11.89 6.34 -21.11
CA ASN B 244 11.70 5.66 -19.79
C ASN B 244 12.54 4.38 -19.75
N VAL B 245 13.77 4.41 -20.30
CA VAL B 245 14.74 3.29 -20.31
C VAL B 245 15.86 3.56 -19.29
N ILE B 246 16.48 4.75 -19.34
CA ILE B 246 17.72 5.08 -18.58
C ILE B 246 17.51 4.84 -17.08
N HIS B 247 16.35 5.20 -16.53
CA HIS B 247 16.09 5.16 -15.06
C HIS B 247 15.97 3.70 -14.59
N ASN B 248 15.85 2.73 -15.50
CA ASN B 248 15.80 1.28 -15.18
C ASN B 248 17.19 0.74 -14.83
N TRP B 249 18.27 1.51 -15.02
CA TRP B 249 19.64 0.94 -15.10
C TRP B 249 20.65 1.68 -14.21
N SER B 250 21.64 0.94 -13.71
CA SER B 250 22.85 1.49 -13.07
C SER B 250 23.62 2.36 -14.07
N ASP B 251 24.56 3.16 -13.60
CA ASP B 251 25.40 4.06 -14.44
C ASP B 251 26.06 3.21 -15.55
N SER B 252 26.72 2.12 -15.17
CA SER B 252 27.49 1.24 -16.08
C SER B 252 26.56 0.61 -17.13
N ASN B 253 25.39 0.13 -16.71
CA ASN B 253 24.42 -0.50 -17.64
C ASN B 253 23.86 0.57 -18.59
N ALA B 254 23.58 1.76 -18.06
CA ALA B 254 23.07 2.93 -18.83
C ALA B 254 24.10 3.31 -19.91
N ILE B 255 25.37 3.41 -19.54
CA ILE B 255 26.50 3.80 -20.45
C ILE B 255 26.65 2.73 -21.53
N LEU B 256 26.52 1.46 -21.17
CA LEU B 256 26.61 0.30 -22.11
C LEU B 256 25.53 0.44 -23.21
N ILE B 257 24.28 0.74 -22.83
CA ILE B 257 23.17 0.97 -23.80
C ILE B 257 23.55 2.12 -24.73
N LEU B 258 24.02 3.23 -24.18
CA LEU B 258 24.37 4.46 -24.95
C LEU B 258 25.56 4.16 -25.88
N GLU B 259 26.57 3.43 -25.38
CA GLU B 259 27.75 3.01 -26.19
C GLU B 259 27.27 2.18 -27.39
N ASN B 260 26.35 1.24 -27.16
CA ASN B 260 25.82 0.37 -28.26
C ASN B 260 25.07 1.25 -29.26
N CYS B 261 24.35 2.28 -28.79
CA CYS B 261 23.65 3.26 -29.66
C CYS B 261 24.68 4.02 -30.51
N ARG B 262 25.76 4.52 -29.91
CA ARG B 262 26.81 5.29 -30.61
C ARG B 262 27.44 4.42 -31.71
N LYS B 263 27.74 3.16 -31.39
CA LYS B 263 28.38 2.19 -32.33
C LYS B 263 27.44 1.96 -33.52
N ALA B 264 26.12 1.94 -33.28
CA ALA B 264 25.07 1.74 -34.31
C ALA B 264 24.91 2.99 -35.18
N MET B 265 25.14 4.17 -34.61
CA MET B 265 24.82 5.49 -35.24
C MET B 265 25.95 5.94 -36.18
N ASP B 266 25.59 6.70 -37.23
CA ASP B 266 26.55 7.48 -38.06
C ASP B 266 26.67 8.89 -37.47
N ASP B 267 27.46 9.76 -38.11
CA ASP B 267 27.82 11.11 -37.61
C ASP B 267 26.59 12.04 -37.62
N ASN B 268 25.59 11.73 -38.46
CA ASN B 268 24.42 12.61 -38.70
C ASN B 268 23.27 12.26 -37.74
N ALA B 269 23.33 11.11 -37.06
CA ALA B 269 22.19 10.51 -36.33
C ALA B 269 21.98 11.20 -34.97
N THR B 270 20.75 11.11 -34.45
CA THR B 270 20.29 11.73 -33.18
C THR B 270 19.76 10.66 -32.23
N ILE B 271 20.10 10.77 -30.93
CA ILE B 271 19.40 10.09 -29.80
C ILE B 271 18.48 11.12 -29.13
N LEU B 272 17.24 10.74 -28.81
CA LEU B 272 16.35 11.47 -27.88
C LEU B 272 16.18 10.65 -26.60
N LEU B 273 16.76 11.11 -25.49
CA LEU B 273 16.49 10.61 -24.11
C LEU B 273 15.21 11.28 -23.63
N ILE B 274 14.13 10.51 -23.48
CA ILE B 274 12.81 10.99 -22.97
C ILE B 274 12.55 10.30 -21.63
N GLY B 275 12.34 11.08 -20.57
CA GLY B 275 12.10 10.46 -19.25
C GLY B 275 12.08 11.46 -18.13
N THR B 276 11.96 10.93 -16.91
CA THR B 276 11.83 11.71 -15.66
C THR B 276 13.22 12.26 -15.32
N VAL B 277 13.27 13.49 -14.83
CA VAL B 277 14.51 14.19 -14.37
C VAL B 277 14.24 14.66 -12.95
N LYS B 278 15.19 14.50 -12.03
CA LYS B 278 15.13 15.12 -10.68
C LYS B 278 15.37 16.62 -10.86
N LYS B 279 14.30 17.44 -10.76
CA LYS B 279 14.35 18.92 -10.89
C LYS B 279 13.66 19.53 -9.67
N LEU B 280 12.35 19.78 -9.75
CA LEU B 280 11.52 20.28 -8.61
C LEU B 280 11.47 19.14 -7.59
N LYS B 281 11.73 19.41 -6.31
CA LYS B 281 11.93 18.34 -5.29
C LYS B 281 10.62 17.58 -5.07
N LEU B 282 10.17 16.84 -6.09
CA LEU B 282 8.84 16.18 -6.15
C LEU B 282 8.89 14.85 -5.40
N GLU B 283 7.89 14.62 -4.54
CA GLU B 283 7.72 13.35 -3.76
C GLU B 283 7.59 12.16 -4.73
N ILE B 284 6.87 12.33 -5.84
CA ILE B 284 6.58 11.24 -6.82
C ILE B 284 7.89 10.76 -7.46
N ILE B 285 8.82 11.67 -7.74
CA ILE B 285 10.15 11.34 -8.34
C ILE B 285 10.99 10.62 -7.29
N ASP B 286 10.94 11.07 -6.04
CA ASP B 286 11.67 10.43 -4.90
C ASP B 286 11.14 9.00 -4.69
N SER B 287 9.81 8.82 -4.74
CA SER B 287 9.17 7.50 -4.53
C SER B 287 9.53 6.57 -5.70
N THR B 288 9.57 7.08 -6.92
CA THR B 288 9.92 6.30 -8.14
C THR B 288 11.40 5.94 -8.11
N ASP B 289 12.26 6.85 -7.60
CA ASP B 289 13.69 6.57 -7.38
C ASP B 289 13.83 5.28 -6.55
N ILE B 290 13.08 5.18 -5.45
CA ILE B 290 13.13 3.99 -4.54
C ILE B 290 12.55 2.78 -5.26
N LEU B 291 11.42 2.93 -5.95
CA LEU B 291 10.81 1.84 -6.74
C LEU B 291 11.82 1.28 -7.76
N MET B 292 12.51 2.17 -8.49
CA MET B 292 13.54 1.77 -9.49
C MET B 292 14.66 0.99 -8.79
N ASP B 293 14.97 1.34 -7.54
CA ASP B 293 15.99 0.62 -6.73
C ASP B 293 15.47 -0.79 -6.41
N VAL B 294 14.24 -0.88 -5.91
CA VAL B 294 13.58 -2.16 -5.48
C VAL B 294 13.48 -3.12 -6.68
N LEU B 295 13.01 -2.64 -7.83
CA LEU B 295 12.70 -3.51 -9.00
C LEU B 295 13.97 -3.86 -9.78
N LEU B 296 14.90 -2.92 -9.94
CA LEU B 296 15.90 -2.93 -11.04
C LEU B 296 17.29 -2.44 -10.60
N LEU B 297 17.49 -2.04 -9.33
CA LEU B 297 18.69 -1.30 -8.88
C LEU B 297 18.96 -0.15 -9.84
N GLY B 298 17.88 0.43 -10.39
CA GLY B 298 17.93 1.67 -11.20
C GLY B 298 17.82 2.90 -10.30
N LYS B 299 17.65 4.07 -10.89
CA LYS B 299 17.63 5.36 -10.15
C LYS B 299 17.12 6.48 -11.04
N GLU B 300 16.51 7.50 -10.43
CA GLU B 300 16.21 8.79 -11.08
C GLU B 300 17.47 9.65 -10.99
N ARG B 301 17.68 10.53 -11.97
CA ARG B 301 18.94 11.30 -12.10
C ARG B 301 18.62 12.79 -12.30
N TYR B 302 19.46 13.65 -11.71
CA TYR B 302 19.51 15.10 -12.02
C TYR B 302 19.99 15.27 -13.46
N LEU B 303 19.70 16.43 -14.04
CA LEU B 303 20.07 16.77 -15.44
C LEU B 303 21.58 16.61 -15.63
N ASN B 304 22.40 17.08 -14.68
CA ASN B 304 23.87 17.01 -14.78
C ASN B 304 24.32 15.54 -14.81
N GLU B 305 23.63 14.66 -14.09
CA GLU B 305 23.97 13.21 -14.01
C GLU B 305 23.66 12.54 -15.34
N LEU B 306 22.56 12.93 -16.00
CA LEU B 306 22.18 12.45 -17.35
C LEU B 306 23.18 12.97 -18.38
N GLU B 307 23.54 14.26 -18.31
CA GLU B 307 24.59 14.88 -19.17
C GLU B 307 25.91 14.09 -19.02
N ASP B 308 26.24 13.68 -17.80
CA ASP B 308 27.49 12.93 -17.49
C ASP B 308 27.45 11.56 -18.16
N LEU B 309 26.33 10.83 -18.08
CA LEU B 309 26.18 9.51 -18.75
C LEU B 309 26.45 9.69 -20.24
N ALA B 310 25.80 10.68 -20.87
CA ALA B 310 25.87 10.98 -22.31
C ALA B 310 27.33 11.25 -22.71
N HIS B 311 28.01 12.10 -21.93
CA HIS B 311 29.43 12.49 -22.15
C HIS B 311 30.34 11.26 -22.03
N GLN B 312 30.16 10.43 -21.00
CA GLN B 312 30.97 9.20 -20.77
C GLN B 312 30.76 8.20 -21.92
N ALA B 313 29.55 8.17 -22.49
CA ALA B 313 29.18 7.28 -23.62
C ALA B 313 29.70 7.87 -24.94
N GLY B 314 30.27 9.08 -24.92
CA GLY B 314 30.92 9.73 -26.07
C GLY B 314 29.96 10.52 -26.94
N PHE B 315 28.95 11.17 -26.33
CA PHE B 315 27.93 11.99 -27.02
C PHE B 315 28.09 13.46 -26.66
N VAL B 316 27.64 14.34 -27.56
CA VAL B 316 27.38 15.79 -27.32
C VAL B 316 25.92 15.93 -26.87
N VAL B 317 25.67 16.67 -25.77
CA VAL B 317 24.30 17.08 -25.35
C VAL B 317 23.96 18.34 -26.14
N LYS B 318 23.03 18.23 -27.09
CA LYS B 318 22.77 19.25 -28.15
C LYS B 318 21.55 20.12 -27.79
N ASP B 319 20.61 19.57 -27.01
CA ASP B 319 19.39 20.32 -26.60
C ASP B 319 18.74 19.62 -25.41
N ILE B 320 18.13 20.40 -24.52
CA ILE B 320 17.26 19.93 -23.39
C ILE B 320 15.95 20.72 -23.47
N LYS B 321 14.81 20.04 -23.54
CA LYS B 321 13.47 20.68 -23.57
C LYS B 321 12.54 19.98 -22.58
N GLU B 322 11.76 20.77 -21.85
CA GLU B 322 10.83 20.32 -20.79
C GLU B 322 9.50 19.88 -21.42
N ILE B 323 9.02 18.69 -21.08
CA ILE B 323 7.64 18.24 -21.41
C ILE B 323 6.71 18.77 -20.31
N ASN B 324 7.04 18.48 -19.06
CA ASN B 324 6.29 18.95 -17.85
C ASN B 324 7.23 18.91 -16.65
N GLU B 325 6.68 18.95 -15.42
CA GLU B 325 7.42 19.08 -14.14
C GLU B 325 8.30 17.84 -13.90
N LYS B 326 7.90 16.70 -14.46
CA LYS B 326 8.60 15.39 -14.30
C LYS B 326 9.49 15.11 -15.52
N TYR B 327 8.95 15.24 -16.73
CA TYR B 327 9.55 14.72 -17.98
C TYR B 327 10.31 15.81 -18.74
N SER B 328 11.48 15.45 -19.27
CA SER B 328 12.28 16.26 -20.23
C SER B 328 12.76 15.37 -21.38
N ILE B 329 13.07 16.00 -22.52
CA ILE B 329 13.77 15.36 -23.67
C ILE B 329 15.20 15.93 -23.70
N ILE B 330 16.19 15.05 -23.78
CA ILE B 330 17.63 15.38 -23.95
C ILE B 330 18.04 14.87 -25.33
N GLU B 331 18.38 15.78 -26.25
CA GLU B 331 18.87 15.47 -27.61
C GLU B 331 20.39 15.25 -27.56
N LEU B 332 20.85 14.08 -27.97
CA LEU B 332 22.29 13.73 -28.09
C LEU B 332 22.66 13.62 -29.56
N GLY B 333 23.86 14.08 -29.91
CA GLY B 333 24.52 13.79 -31.20
C GLY B 333 25.93 13.31 -30.96
N VAL B 334 26.62 12.86 -32.00
CA VAL B 334 28.03 12.38 -31.90
C VAL B 334 28.97 13.57 -32.16
N LYS B 335 28.53 14.58 -32.92
CA LYS B 335 29.29 15.82 -33.21
C LYS B 335 28.48 17.05 -32.76
#